data_4LVB
#
_entry.id   4LVB
#
_cell.length_a   60.612
_cell.length_b   106.681
_cell.length_c   83.142
_cell.angle_alpha   90.00
_cell.angle_beta   96.39
_cell.angle_gamma   90.00
#
_symmetry.space_group_name_H-M   'P 1 21 1'
#
loop_
_entity.id
_entity.type
_entity.pdbx_description
1 polymer 'Nicotinamide phosphoribosyltransferase'
2 non-polymer N-[4-(acetylamino)phenyl]cyclopropanecarboxamide
3 non-polymer 'PHOSPHATE ION'
4 non-polymer 1,2-ETHANEDIOL
5 water water
#
_entity_poly.entity_id   1
_entity_poly.type   'polypeptide(L)'
_entity_poly.pdbx_seq_one_letter_code
;MNPAAEAEFNILLATDSYKVTHYKQYPPNTSKVYSYFECREKKTENSKLRKVKYEETVFYGLQYILNKYLKGKVVTKEKI
QEAKDVYKEHFQDDVFNEKGWNYILEKYDGHLPIEIKAVPEGFVIPRGNVLFTVENTDPECYWLTNWIETILVQSWYPIT
VATNSREQKKILAKYLLETSGNLDGLEYKLHDFGYRGVSSQETAGIGASAHLVNFKGTDTVAGLALIKKYYGTKDPVPGY
SVPAAEHSTITAWGKDHEKDAFEHIVTQFSSVPVSVVSDSYDIYNACEKIWGEDLRHLIVSRSTQAPLIIRPDSGNPLDT
VLKVLEILGKKFPVTENSKGYKLLPPYLRVIQGDGVDINTLQEIVEGMKQKMWSIENIAFGSGGGLLQKLTRDLLNCSFK
CSYVVTNGLGINVFKDPVADPNKRSKKGRLSLHRTPAGNFVTLEEGKGDLEEYGQDLLHTVFKNGKVTKSYSFDEIRKNA
QLNIELEAAHHLEHHHHHHHH
;
_entity_poly.pdbx_strand_id   A,B
#
loop_
_chem_comp.id
_chem_comp.type
_chem_comp.name
_chem_comp.formula
20N non-polymer N-[4-(acetylamino)phenyl]cyclopropanecarboxamide 'C12 H14 N2 O2'
EDO non-polymer 1,2-ETHANEDIOL 'C2 H6 O2'
PO4 non-polymer 'PHOSPHATE ION' 'O4 P -3'
#
# COMPACT_ATOMS: atom_id res chain seq x y z
N GLU A 8 -21.19 -0.78 5.64
CA GLU A 8 -21.21 0.63 5.29
C GLU A 8 -20.16 1.42 6.07
N PHE A 9 -19.39 2.25 5.37
CA PHE A 9 -18.33 3.06 5.98
C PHE A 9 -18.87 3.96 7.09
N ASN A 10 -18.15 3.98 8.22
CA ASN A 10 -18.53 4.77 9.38
C ASN A 10 -17.37 5.67 9.81
N ILE A 11 -17.52 6.97 9.54
CA ILE A 11 -16.47 7.95 9.84
C ILE A 11 -16.04 7.95 11.31
N LEU A 12 -16.95 7.55 12.19
CA LEU A 12 -16.64 7.49 13.62
C LEU A 12 -15.70 6.34 13.93
N LEU A 13 -15.54 5.43 12.98
CA LEU A 13 -14.63 4.29 13.17
C LEU A 13 -13.40 4.44 12.29
N ALA A 14 -13.26 5.60 11.65
CA ALA A 14 -12.19 5.80 10.69
C ALA A 14 -11.11 6.76 11.17
N THR A 15 -10.69 6.58 12.42
CA THR A 15 -9.64 7.44 12.97
C THR A 15 -8.66 6.57 13.76
N ASP A 16 -7.48 7.09 14.06
CA ASP A 16 -6.56 6.40 14.96
C ASP A 16 -7.25 6.27 16.31
N SER A 17 -7.24 5.07 16.88
CA SER A 17 -7.94 4.80 18.14
C SER A 17 -7.72 5.86 19.20
N TYR A 18 -6.47 6.26 19.39
CA TYR A 18 -6.15 7.19 20.47
C TYR A 18 -6.86 8.55 20.35
N LYS A 19 -7.20 8.93 19.12
CA LYS A 19 -7.90 10.20 18.86
C LYS A 19 -9.29 10.23 19.50
N VAL A 20 -9.85 9.06 19.75
CA VAL A 20 -11.13 8.96 20.44
C VAL A 20 -11.07 9.65 21.80
N THR A 21 -9.87 9.69 22.36
CA THR A 21 -9.66 10.21 23.71
C THR A 21 -9.25 11.68 23.75
N HIS A 22 -9.11 12.31 22.59
CA HIS A 22 -8.55 13.67 22.56
C HIS A 22 -9.45 14.80 23.03
N TYR A 23 -10.76 14.61 22.97
CA TYR A 23 -11.69 15.63 23.46
C TYR A 23 -11.56 15.86 24.99
N LYS A 24 -10.76 15.04 25.65
CA LYS A 24 -10.53 15.20 27.09
C LYS A 24 -9.13 15.73 27.36
N GLN A 25 -8.39 16.03 26.28
CA GLN A 25 -6.98 16.41 26.41
C GLN A 25 -6.62 17.85 26.00
N TYR A 26 -7.41 18.43 25.10
CA TYR A 26 -7.14 19.80 24.66
C TYR A 26 -7.40 20.74 25.84
N PRO A 27 -6.80 21.94 25.82
CA PRO A 27 -7.04 22.90 26.90
C PRO A 27 -8.52 23.21 26.99
N PRO A 28 -9.07 23.23 28.20
CA PRO A 28 -10.46 23.68 28.38
C PRO A 28 -10.70 25.04 27.74
N ASN A 29 -11.93 25.28 27.29
CA ASN A 29 -12.32 26.57 26.72
C ASN A 29 -11.66 26.83 25.39
N THR A 30 -11.40 25.76 24.64
CA THR A 30 -10.84 25.87 23.30
C THR A 30 -11.96 25.85 22.27
N SER A 31 -12.02 26.90 21.45
CA SER A 31 -13.13 27.02 20.50
C SER A 31 -12.72 26.69 19.07
N LYS A 32 -11.42 26.68 18.79
CA LYS A 32 -10.92 26.40 17.44
C LYS A 32 -9.62 25.62 17.47
N VAL A 33 -9.56 24.58 16.66
CA VAL A 33 -8.30 23.88 16.36
C VAL A 33 -8.10 23.98 14.85
N TYR A 34 -6.94 24.47 14.45
CA TYR A 34 -6.62 24.73 13.05
C TYR A 34 -5.34 23.99 12.75
N SER A 35 -5.36 23.17 11.70
CA SER A 35 -4.24 22.28 11.37
C SER A 35 -3.95 22.34 9.87
N TYR A 36 -2.75 21.92 9.46
CA TYR A 36 -2.37 22.04 8.07
C TYR A 36 -1.59 20.79 7.64
N PHE A 37 -1.47 20.60 6.33
CA PHE A 37 -0.74 19.48 5.77
C PHE A 37 0.39 20.03 4.90
N GLU A 38 1.57 19.43 5.00
CA GLU A 38 2.66 19.82 4.12
C GLU A 38 3.47 18.57 3.78
N CYS A 39 4.23 18.66 2.68
CA CYS A 39 5.28 17.70 2.42
C CYS A 39 6.55 18.32 2.96
N ARG A 40 6.85 18.02 4.22
CA ARG A 40 7.85 18.76 4.99
C ARG A 40 9.21 18.70 4.32
N GLU A 41 9.91 19.82 4.34
CA GLU A 41 11.23 19.89 3.76
C GLU A 41 12.15 19.04 4.62
N LYS A 42 13.12 18.39 3.99
CA LYS A 42 14.09 17.58 4.71
C LYS A 42 15.51 18.07 4.44
N LYS A 43 16.22 18.43 5.50
CA LYS A 43 17.57 18.99 5.41
C LYS A 43 18.50 18.24 4.45
N LYS A 53 15.61 13.18 -4.69
CA LYS A 53 15.53 14.50 -4.06
C LYS A 53 14.09 14.98 -3.84
N TYR A 54 13.27 14.89 -4.88
CA TYR A 54 11.85 15.23 -4.76
C TYR A 54 11.58 16.64 -4.23
N GLU A 55 12.06 17.64 -4.97
CA GLU A 55 11.97 19.03 -4.51
C GLU A 55 10.58 19.65 -4.65
N GLU A 56 9.76 19.11 -5.54
CA GLU A 56 8.41 19.63 -5.74
C GLU A 56 7.43 18.48 -5.83
N THR A 57 6.19 18.71 -5.40
CA THR A 57 5.21 17.63 -5.32
C THR A 57 3.92 18.00 -6.04
N VAL A 58 3.29 17.00 -6.67
CA VAL A 58 1.99 17.17 -7.28
C VAL A 58 0.90 16.97 -6.23
N PHE A 59 0.06 17.99 -6.05
CA PHE A 59 -1.04 17.83 -5.09
C PHE A 59 -2.22 17.18 -5.78
N TYR A 60 -2.53 15.96 -5.37
CA TYR A 60 -3.63 15.24 -6.01
C TYR A 60 -4.23 14.21 -5.06
N GLY A 61 -5.56 14.12 -5.04
CA GLY A 61 -6.23 13.00 -4.39
C GLY A 61 -7.20 13.39 -3.29
N LEU A 62 -7.10 14.63 -2.83
CA LEU A 62 -8.00 15.12 -1.77
C LEU A 62 -9.49 15.01 -2.17
N GLN A 63 -9.80 15.43 -3.39
CA GLN A 63 -11.18 15.44 -3.89
C GLN A 63 -11.86 14.07 -3.82
N TYR A 64 -11.09 13.02 -4.04
CA TYR A 64 -11.57 11.65 -3.87
C TYR A 64 -11.97 11.40 -2.41
N ILE A 65 -11.11 11.79 -1.48
CA ILE A 65 -11.38 11.57 -0.08
C ILE A 65 -12.59 12.40 0.36
N LEU A 66 -12.65 13.66 -0.08
CA LEU A 66 -13.78 14.53 0.27
C LEU A 66 -15.13 13.92 -0.14
N ASN A 67 -15.23 13.46 -1.38
CA ASN A 67 -16.49 12.94 -1.89
C ASN A 67 -16.85 11.55 -1.36
N LYS A 68 -15.87 10.65 -1.34
CA LYS A 68 -16.16 9.28 -0.92
C LYS A 68 -16.44 9.19 0.58
N TYR A 69 -15.73 9.98 1.37
CA TYR A 69 -15.73 9.75 2.83
C TYR A 69 -16.25 10.88 3.72
N LEU A 70 -16.09 12.13 3.29
CA LEU A 70 -16.37 13.24 4.22
C LEU A 70 -17.68 14.00 4.00
N LYS A 71 -18.21 13.98 2.78
CA LYS A 71 -19.33 14.84 2.47
C LYS A 71 -20.71 14.28 2.84
N GLY A 72 -21.66 15.18 3.06
CA GLY A 72 -23.04 14.80 3.27
C GLY A 72 -23.32 14.35 4.68
N LYS A 73 -24.43 13.62 4.88
CA LYS A 73 -24.80 13.15 6.19
C LYS A 73 -23.96 11.93 6.55
N VAL A 74 -22.90 12.14 7.31
CA VAL A 74 -21.99 11.05 7.63
C VAL A 74 -22.15 10.55 9.06
N VAL A 75 -23.02 11.21 9.82
CA VAL A 75 -23.33 10.77 11.19
C VAL A 75 -24.80 10.37 11.26
N THR A 76 -25.07 9.23 11.88
CA THR A 76 -26.44 8.78 12.15
C THR A 76 -26.50 8.18 13.56
N LYS A 77 -27.71 8.02 14.11
CA LYS A 77 -27.86 7.39 15.42
C LYS A 77 -27.20 6.03 15.48
N GLU A 78 -27.39 5.26 14.42
CA GLU A 78 -26.87 3.90 14.35
C GLU A 78 -25.35 3.89 14.33
N LYS A 79 -24.77 4.78 13.55
CA LYS A 79 -23.31 4.89 13.50
C LYS A 79 -22.70 5.27 14.85
N ILE A 80 -23.39 6.12 15.60
CA ILE A 80 -22.92 6.50 16.93
C ILE A 80 -22.97 5.30 17.87
N GLN A 81 -24.08 4.57 17.86
CA GLN A 81 -24.21 3.37 18.70
C GLN A 81 -23.18 2.32 18.35
N GLU A 82 -22.97 2.10 17.04
CA GLU A 82 -21.99 1.13 16.57
C GLU A 82 -20.62 1.49 17.13
N ALA A 83 -20.25 2.76 17.02
CA ALA A 83 -18.95 3.21 17.48
C ALA A 83 -18.84 3.05 19.00
N LYS A 84 -19.89 3.44 19.72
CA LYS A 84 -19.91 3.31 21.17
C LYS A 84 -19.61 1.85 21.58
N ASP A 85 -20.27 0.91 20.91
CA ASP A 85 -20.12 -0.53 21.21
C ASP A 85 -18.71 -1.07 20.93
N VAL A 86 -18.14 -0.66 19.81
CA VAL A 86 -16.79 -1.08 19.42
C VAL A 86 -15.73 -0.54 20.39
N TYR A 87 -15.79 0.75 20.68
CA TYR A 87 -14.80 1.39 21.54
C TYR A 87 -14.84 0.91 22.99
N LYS A 88 -16.02 0.50 23.45
CA LYS A 88 -16.13 -0.05 24.80
C LYS A 88 -15.28 -1.29 24.95
N GLU A 89 -15.30 -2.15 23.95
CA GLU A 89 -14.50 -3.37 24.00
C GLU A 89 -13.04 -3.10 23.67
N HIS A 90 -12.79 -2.21 22.70
CA HIS A 90 -11.45 -1.91 22.24
C HIS A 90 -10.58 -1.26 23.32
N PHE A 91 -11.20 -0.40 24.13
CA PHE A 91 -10.50 0.31 25.20
C PHE A 91 -10.70 -0.35 26.56
N GLN A 92 -11.67 -1.24 26.67
CA GLN A 92 -12.06 -1.80 27.96
C GLN A 92 -12.38 -0.66 28.93
N ASP A 93 -13.09 0.34 28.42
CA ASP A 93 -13.39 1.57 29.16
C ASP A 93 -14.41 2.36 28.32
N ASP A 94 -15.10 3.31 28.96
CA ASP A 94 -16.22 4.00 28.30
C ASP A 94 -15.86 5.30 27.56
N VAL A 95 -14.58 5.65 27.48
CA VAL A 95 -14.20 6.91 26.83
C VAL A 95 -14.68 6.97 25.38
N PHE A 96 -15.49 7.97 25.07
CA PHE A 96 -16.09 8.16 23.74
C PHE A 96 -17.01 9.36 23.76
N ASN A 97 -16.72 10.33 22.90
CA ASN A 97 -17.45 11.60 22.85
C ASN A 97 -18.83 11.47 22.19
N GLU A 98 -19.69 10.66 22.79
CA GLU A 98 -21.06 10.49 22.32
C GLU A 98 -21.81 11.83 22.19
N LYS A 99 -21.70 12.69 23.20
CA LYS A 99 -22.34 14.00 23.15
C LYS A 99 -21.87 14.83 21.96
N GLY A 100 -20.58 14.79 21.67
CA GLY A 100 -20.02 15.57 20.59
C GLY A 100 -20.57 15.14 19.25
N TRP A 101 -20.68 13.82 19.05
CA TRP A 101 -21.21 13.30 17.80
C TRP A 101 -22.72 13.55 17.69
N ASN A 102 -23.44 13.39 18.79
CA ASN A 102 -24.87 13.77 18.83
C ASN A 102 -25.13 15.20 18.39
N TYR A 103 -24.26 16.11 18.81
CA TYR A 103 -24.40 17.53 18.47
C TYR A 103 -24.35 17.75 16.97
N ILE A 104 -23.38 17.11 16.32
CA ILE A 104 -23.28 17.21 14.86
C ILE A 104 -24.51 16.60 14.18
N LEU A 105 -24.99 15.48 14.71
CA LEU A 105 -26.21 14.87 14.18
C LEU A 105 -27.40 15.82 14.33
N GLU A 106 -27.63 16.32 15.55
CA GLU A 106 -28.80 17.16 15.83
C GLU A 106 -28.77 18.56 15.20
N LYS A 107 -27.60 19.20 15.25
CA LYS A 107 -27.50 20.59 14.81
C LYS A 107 -27.25 20.74 13.31
N TYR A 108 -26.52 19.78 12.72
CA TYR A 108 -26.10 19.92 11.33
C TYR A 108 -26.56 18.78 10.45
N ASP A 109 -27.57 18.04 10.92
CA ASP A 109 -28.06 16.86 10.19
C ASP A 109 -26.92 15.93 9.75
N GLY A 110 -25.96 15.72 10.66
CA GLY A 110 -24.89 14.77 10.43
C GLY A 110 -23.77 15.23 9.49
N HIS A 111 -23.80 16.50 9.10
CA HIS A 111 -22.78 17.09 8.23
C HIS A 111 -21.60 17.65 9.05
N LEU A 112 -20.38 17.37 8.63
CA LEU A 112 -19.20 17.78 9.40
C LEU A 112 -18.99 19.30 9.38
N PRO A 113 -19.04 19.94 10.57
CA PRO A 113 -18.81 21.39 10.59
C PRO A 113 -17.32 21.72 10.52
N ILE A 114 -16.78 21.61 9.31
CA ILE A 114 -15.35 21.68 9.04
C ILE A 114 -15.16 22.49 7.76
N GLU A 115 -14.10 23.28 7.71
CA GLU A 115 -13.74 23.96 6.46
C GLU A 115 -12.35 23.52 6.07
N ILE A 116 -12.20 23.10 4.81
CA ILE A 116 -10.90 22.70 4.30
C ILE A 116 -10.58 23.60 3.11
N LYS A 117 -9.40 24.20 3.13
CA LYS A 117 -8.94 25.03 2.01
C LYS A 117 -7.72 24.35 1.44
N ALA A 118 -7.61 24.31 0.11
CA ALA A 118 -6.53 23.55 -0.50
C ALA A 118 -5.98 24.24 -1.75
N VAL A 119 -4.74 23.95 -2.11
CA VAL A 119 -4.17 24.38 -3.38
C VAL A 119 -4.89 23.57 -4.47
N PRO A 120 -5.08 24.14 -5.68
CA PRO A 120 -5.81 23.36 -6.69
C PRO A 120 -5.11 22.04 -7.05
N GLU A 121 -5.89 20.99 -7.31
CA GLU A 121 -5.29 19.71 -7.66
C GLU A 121 -4.53 19.80 -8.97
N GLY A 122 -3.42 19.07 -9.03
CA GLY A 122 -2.52 19.13 -10.17
C GLY A 122 -1.38 20.11 -9.94
N PHE A 123 -1.59 21.09 -9.06
CA PHE A 123 -0.55 22.08 -8.78
C PHE A 123 0.76 21.42 -8.33
N VAL A 124 1.87 21.99 -8.77
CA VAL A 124 3.18 21.46 -8.47
C VAL A 124 3.87 22.45 -7.56
N ILE A 125 4.11 22.04 -6.31
CA ILE A 125 4.53 22.96 -5.28
C ILE A 125 5.79 22.46 -4.59
N PRO A 126 6.75 23.36 -4.35
CA PRO A 126 7.98 22.97 -3.66
C PRO A 126 7.71 22.44 -2.25
N ARG A 127 8.61 21.59 -1.78
CA ARG A 127 8.55 21.05 -0.42
C ARG A 127 8.46 22.17 0.61
N GLY A 128 7.79 21.87 1.72
CA GLY A 128 7.76 22.78 2.83
C GLY A 128 6.70 23.85 2.75
N ASN A 129 5.70 23.64 1.91
CA ASN A 129 4.62 24.61 1.76
C ASN A 129 3.30 24.04 2.22
N VAL A 130 2.43 24.90 2.76
CA VAL A 130 1.07 24.48 3.11
C VAL A 130 0.33 24.05 1.85
N LEU A 131 -0.26 22.85 1.89
CA LEU A 131 -1.00 22.33 0.76
C LEU A 131 -2.50 22.33 1.06
N PHE A 132 -2.86 22.03 2.31
CA PHE A 132 -4.23 22.26 2.72
C PHE A 132 -4.33 22.54 4.22
N THR A 133 -5.41 23.19 4.63
CA THR A 133 -5.65 23.49 6.03
C THR A 133 -7.03 23.01 6.41
N VAL A 134 -7.22 22.72 7.70
CA VAL A 134 -8.46 22.17 8.22
C VAL A 134 -8.79 22.89 9.53
N GLU A 135 -10.05 23.26 9.69
CA GLU A 135 -10.51 23.91 10.93
C GLU A 135 -12.00 23.66 11.17
N ASN A 136 -12.41 23.69 12.43
CA ASN A 136 -13.84 23.54 12.74
C ASN A 136 -14.57 24.87 12.54
N THR A 137 -15.84 24.80 12.15
CA THR A 137 -16.62 26.01 11.90
C THR A 137 -17.59 26.31 13.03
N ASP A 138 -17.64 25.41 14.01
CA ASP A 138 -18.48 25.56 15.19
C ASP A 138 -17.60 25.27 16.41
N PRO A 139 -17.62 26.17 17.41
CA PRO A 139 -16.80 26.05 18.63
C PRO A 139 -16.93 24.70 19.34
N GLU A 140 -18.11 24.08 19.28
CA GLU A 140 -18.31 22.80 19.96
C GLU A 140 -17.48 21.68 19.32
N CYS A 141 -17.13 21.88 18.07
CA CYS A 141 -16.48 20.82 17.31
C CYS A 141 -14.97 21.03 17.17
N TYR A 142 -14.37 21.68 18.17
CA TYR A 142 -12.93 21.90 18.18
C TYR A 142 -12.18 20.58 18.06
N TRP A 143 -12.75 19.50 18.59
CA TRP A 143 -12.12 18.19 18.59
C TRP A 143 -12.12 17.50 17.22
N LEU A 144 -12.97 17.97 16.32
CA LEU A 144 -13.19 17.31 15.04
C LEU A 144 -12.09 17.52 14.01
N THR A 145 -11.38 18.65 14.11
CA THR A 145 -10.31 18.99 13.16
C THR A 145 -9.27 17.89 13.09
N ASN A 146 -8.87 17.40 14.25
CA ASN A 146 -7.84 16.38 14.27
C ASN A 146 -8.38 14.95 14.31
N TRP A 147 -9.66 14.78 14.62
CA TRP A 147 -10.32 13.49 14.40
C TRP A 147 -10.10 13.01 12.99
N ILE A 148 -10.26 13.92 12.02
CA ILE A 148 -10.18 13.53 10.62
C ILE A 148 -8.77 13.63 10.04
N GLU A 149 -7.78 13.83 10.90
CA GLU A 149 -6.39 13.78 10.44
C GLU A 149 -6.05 12.46 9.72
N THR A 150 -6.41 11.34 10.35
CA THR A 150 -6.05 10.02 9.83
C THR A 150 -6.51 9.83 8.39
N ILE A 151 -7.76 10.20 8.12
CA ILE A 151 -8.33 9.97 6.80
C ILE A 151 -7.74 10.95 5.78
N LEU A 152 -7.51 12.18 6.19
CA LEU A 152 -6.96 13.21 5.30
C LEU A 152 -5.49 12.94 4.96
N VAL A 153 -4.74 12.47 5.93
CA VAL A 153 -3.30 12.19 5.75
C VAL A 153 -3.05 11.07 4.73
N GLN A 154 -4.04 10.22 4.49
CA GLN A 154 -3.89 9.17 3.48
C GLN A 154 -3.77 9.75 2.07
N SER A 155 -3.99 11.06 1.95
CA SER A 155 -3.74 11.75 0.69
C SER A 155 -2.25 11.69 0.33
N TRP A 156 -1.40 11.34 1.30
CA TRP A 156 0.03 11.15 1.04
C TRP A 156 0.23 10.22 -0.15
N TYR A 157 -0.67 9.24 -0.27
CA TYR A 157 -0.49 8.20 -1.26
C TYR A 157 -0.67 8.68 -2.71
N PRO A 158 -1.85 9.21 -3.08
CA PRO A 158 -1.93 9.72 -4.46
C PRO A 158 -0.96 10.89 -4.72
N ILE A 159 -0.67 11.68 -3.69
CA ILE A 159 0.33 12.72 -3.85
C ILE A 159 1.68 12.12 -4.23
N THR A 160 2.10 11.10 -3.49
CA THR A 160 3.41 10.50 -3.69
C THR A 160 3.48 9.72 -5.00
N VAL A 161 2.41 9.00 -5.35
CA VAL A 161 2.40 8.30 -6.64
C VAL A 161 2.50 9.30 -7.78
N ALA A 162 1.66 10.34 -7.75
CA ALA A 162 1.66 11.34 -8.83
C ALA A 162 3.01 12.02 -8.96
N THR A 163 3.61 12.32 -7.81
CA THR A 163 4.89 13.01 -7.76
C THR A 163 6.00 12.10 -8.32
N ASN A 164 6.06 10.87 -7.81
CA ASN A 164 7.09 9.94 -8.26
C ASN A 164 6.93 9.57 -9.74
N SER A 165 5.68 9.47 -10.18
CA SER A 165 5.40 9.24 -11.60
C SER A 165 5.87 10.42 -12.46
N ARG A 166 5.58 11.65 -12.01
CA ARG A 166 6.02 12.84 -12.72
C ARG A 166 7.54 12.94 -12.82
N GLU A 167 8.24 12.62 -11.74
CA GLU A 167 9.70 12.62 -11.74
C GLU A 167 10.28 11.61 -12.74
N GLN A 168 9.59 10.48 -12.95
CA GLN A 168 10.05 9.52 -13.95
C GLN A 168 9.78 10.04 -15.34
N LYS A 169 8.65 10.74 -15.50
CA LYS A 169 8.36 11.47 -16.74
C LYS A 169 9.44 12.50 -17.09
N LYS A 170 9.94 13.25 -16.10
CA LYS A 170 11.05 14.20 -16.36
C LYS A 170 12.26 13.50 -16.96
N ILE A 171 12.62 12.36 -16.37
CA ILE A 171 13.77 11.58 -16.82
C ILE A 171 13.55 11.11 -18.25
N LEU A 172 12.39 10.52 -18.51
CA LEU A 172 12.05 10.04 -19.85
C LEU A 172 12.08 11.17 -20.88
N ALA A 173 11.49 12.32 -20.53
CA ALA A 173 11.41 13.46 -21.46
C ALA A 173 12.80 13.97 -21.82
N LYS A 174 13.65 14.10 -20.81
CA LYS A 174 15.02 14.54 -21.00
C LYS A 174 15.78 13.68 -22.00
N TYR A 175 15.73 12.35 -21.80
CA TYR A 175 16.44 11.41 -22.65
C TYR A 175 15.77 11.20 -24.01
N LEU A 176 14.44 11.23 -24.03
CA LEU A 176 13.74 11.13 -25.30
C LEU A 176 14.06 12.32 -26.18
N LEU A 177 14.05 13.52 -25.58
CA LEU A 177 14.35 14.74 -26.33
C LEU A 177 15.78 14.72 -26.84
N GLU A 178 16.72 14.32 -25.99
CA GLU A 178 18.12 14.27 -26.39
C GLU A 178 18.38 13.29 -27.53
N THR A 179 17.80 12.09 -27.44
CA THR A 179 18.09 11.05 -28.43
C THR A 179 17.22 11.15 -29.68
N SER A 180 16.12 11.87 -29.63
CA SER A 180 15.18 11.88 -30.75
C SER A 180 14.88 13.26 -31.32
N GLY A 181 15.05 14.29 -30.50
CA GLY A 181 14.76 15.66 -30.89
C GLY A 181 13.34 16.11 -30.64
N ASN A 182 12.53 15.24 -30.09
CA ASN A 182 11.15 15.59 -29.74
C ASN A 182 10.62 14.74 -28.59
N LEU A 183 9.36 14.92 -28.26
CA LEU A 183 8.75 14.24 -27.12
C LEU A 183 7.60 13.32 -27.53
N ASP A 184 7.52 12.98 -28.81
CA ASP A 184 6.42 12.18 -29.33
C ASP A 184 6.30 10.84 -28.59
N GLY A 185 5.10 10.55 -28.08
CA GLY A 185 4.86 9.29 -27.41
C GLY A 185 5.28 9.26 -25.94
N LEU A 186 5.79 10.39 -25.43
CA LEU A 186 6.24 10.45 -24.04
C LEU A 186 5.18 9.97 -23.05
N GLU A 187 3.92 10.29 -23.33
CA GLU A 187 2.83 9.97 -22.41
C GLU A 187 2.49 8.46 -22.38
N TYR A 188 3.20 7.67 -23.17
CA TYR A 188 2.97 6.23 -23.20
C TYR A 188 4.21 5.44 -22.77
N LYS A 189 5.24 6.15 -22.33
CA LYS A 189 6.55 5.54 -22.08
C LYS A 189 6.66 4.87 -20.70
N LEU A 190 5.69 5.06 -19.83
CA LEU A 190 5.70 4.36 -18.54
C LEU A 190 4.30 3.84 -18.26
N HIS A 191 4.13 2.52 -18.36
CA HIS A 191 2.84 1.88 -18.19
C HIS A 191 2.69 1.31 -16.77
N ASP A 192 1.49 1.44 -16.22
CA ASP A 192 1.19 0.94 -14.89
C ASP A 192 0.83 -0.54 -14.97
N PHE A 193 1.70 -1.38 -14.41
CA PHE A 193 1.45 -2.82 -14.28
C PHE A 193 1.23 -3.21 -12.82
N GLY A 194 0.80 -2.27 -12.00
CA GLY A 194 0.82 -2.45 -10.56
C GLY A 194 -0.37 -3.12 -9.88
N TYR A 195 -1.41 -3.47 -10.63
CA TYR A 195 -2.65 -4.01 -10.04
C TYR A 195 -2.36 -5.16 -9.03
N ARG A 196 -1.56 -6.13 -9.42
CA ARG A 196 -1.33 -7.29 -8.56
C ARG A 196 -0.34 -6.99 -7.43
N GLY A 197 0.45 -5.93 -7.59
CA GLY A 197 1.54 -5.64 -6.69
C GLY A 197 1.20 -4.66 -5.58
N VAL A 198 -0.04 -4.16 -5.57
CA VAL A 198 -0.50 -3.28 -4.49
C VAL A 198 -1.24 -4.03 -3.40
N SER A 199 -1.52 -3.34 -2.30
CA SER A 199 -2.01 -4.00 -1.09
C SER A 199 -3.52 -4.24 -1.07
N SER A 200 -4.27 -3.58 -1.97
CA SER A 200 -5.72 -3.78 -2.01
C SER A 200 -6.34 -3.29 -3.32
N GLN A 201 -7.58 -3.72 -3.57
CA GLN A 201 -8.38 -3.15 -4.66
C GLN A 201 -8.47 -1.63 -4.60
N GLU A 202 -8.73 -1.07 -3.41
CA GLU A 202 -8.93 0.38 -3.33
C GLU A 202 -7.64 1.12 -3.65
N THR A 203 -6.54 0.62 -3.11
CA THR A 203 -5.23 1.20 -3.40
C THR A 203 -4.96 1.17 -4.90
N ALA A 204 -5.32 0.07 -5.55
CA ALA A 204 -5.08 -0.09 -6.98
C ALA A 204 -5.72 1.04 -7.80
N GLY A 205 -6.99 1.33 -7.52
CA GLY A 205 -7.68 2.41 -8.20
C GLY A 205 -7.10 3.78 -7.93
N ILE A 206 -6.89 4.11 -6.65
CA ILE A 206 -6.28 5.38 -6.29
C ILE A 206 -4.90 5.57 -6.93
N GLY A 207 -4.06 4.54 -6.81
CA GLY A 207 -2.70 4.61 -7.34
C GLY A 207 -2.68 4.74 -8.86
N ALA A 208 -3.53 3.96 -9.53
CA ALA A 208 -3.60 4.04 -10.99
C ALA A 208 -4.05 5.44 -11.43
N SER A 209 -4.99 6.04 -10.71
CA SER A 209 -5.47 7.35 -11.11
C SER A 209 -4.38 8.39 -10.95
N ALA A 210 -3.52 8.22 -9.95
CA ALA A 210 -2.43 9.17 -9.72
C ALA A 210 -1.37 9.08 -10.80
N HIS A 211 -1.08 7.87 -11.26
CA HIS A 211 -0.14 7.69 -12.37
C HIS A 211 -0.70 8.37 -13.63
N LEU A 212 -2.03 8.28 -13.81
CA LEU A 212 -2.67 8.87 -14.99
C LEU A 212 -2.65 10.39 -15.03
N VAL A 213 -2.26 11.03 -13.94
CA VAL A 213 -2.06 12.48 -13.97
C VAL A 213 -0.94 12.79 -14.98
N ASN A 214 -0.01 11.85 -15.13
CA ASN A 214 1.21 12.07 -15.92
C ASN A 214 1.30 11.24 -17.22
N PHE A 215 0.68 10.07 -17.25
CA PHE A 215 0.77 9.18 -18.41
C PHE A 215 -0.62 8.68 -18.79
N LYS A 216 -0.72 7.98 -19.92
CA LYS A 216 -2.02 7.49 -20.39
C LYS A 216 -2.16 5.97 -20.34
N GLY A 217 -1.07 5.25 -20.06
CA GLY A 217 -1.08 3.79 -20.09
C GLY A 217 -1.21 3.10 -18.74
N THR A 218 -2.25 2.29 -18.59
CA THR A 218 -2.44 1.51 -17.38
C THR A 218 -3.16 0.19 -17.68
N ASP A 219 -2.80 -0.86 -16.96
CA ASP A 219 -3.53 -2.12 -17.06
C ASP A 219 -4.41 -2.31 -15.84
N THR A 220 -4.42 -1.31 -14.97
CA THR A 220 -5.29 -1.45 -13.82
C THR A 220 -6.53 -0.60 -14.00
N VAL A 221 -7.57 -1.29 -14.45
CA VAL A 221 -8.83 -0.73 -14.89
C VAL A 221 -9.55 0.10 -13.83
N ALA A 222 -9.28 -0.18 -12.56
CA ALA A 222 -9.95 0.51 -11.45
C ALA A 222 -9.67 2.01 -11.48
N GLY A 223 -8.48 2.38 -11.94
CA GLY A 223 -8.12 3.79 -12.01
C GLY A 223 -9.12 4.57 -12.85
N LEU A 224 -9.57 3.96 -13.96
CA LEU A 224 -10.48 4.61 -14.89
C LEU A 224 -11.81 4.98 -14.23
N ALA A 225 -12.42 4.02 -13.55
CA ALA A 225 -13.73 4.22 -12.92
C ALA A 225 -13.67 5.33 -11.88
N LEU A 226 -12.60 5.31 -11.08
CA LEU A 226 -12.39 6.32 -10.03
C LEU A 226 -12.34 7.72 -10.65
N ILE A 227 -11.58 7.87 -11.73
CA ILE A 227 -11.46 9.17 -12.37
C ILE A 227 -12.80 9.67 -12.89
N LYS A 228 -13.56 8.79 -13.54
CA LYS A 228 -14.87 9.14 -14.07
C LYS A 228 -15.81 9.62 -12.95
N LYS A 229 -15.84 8.87 -11.86
CA LYS A 229 -16.78 9.14 -10.78
C LYS A 229 -16.41 10.36 -9.93
N TYR A 230 -15.11 10.59 -9.72
CA TYR A 230 -14.70 11.63 -8.78
C TYR A 230 -14.13 12.89 -9.41
N TYR A 231 -13.66 12.78 -10.65
CA TYR A 231 -13.02 13.92 -11.29
C TYR A 231 -13.62 14.26 -12.67
N GLY A 232 -13.64 13.27 -13.56
CA GLY A 232 -14.21 13.43 -14.89
C GLY A 232 -13.22 13.87 -15.95
N THR A 233 -13.33 13.28 -17.14
CA THR A 233 -12.54 13.68 -18.30
C THR A 233 -13.43 13.85 -19.54
N LYS A 234 -13.01 14.74 -20.44
CA LYS A 234 -13.68 14.90 -21.74
C LYS A 234 -13.68 13.59 -22.55
N ASP A 235 -12.50 12.98 -22.70
CA ASP A 235 -12.37 11.68 -23.34
C ASP A 235 -13.15 10.60 -22.58
N PRO A 236 -13.64 9.57 -23.30
CA PRO A 236 -14.36 8.45 -22.67
C PRO A 236 -13.56 7.80 -21.53
N VAL A 237 -12.24 7.66 -21.71
CA VAL A 237 -11.37 7.10 -20.67
C VAL A 237 -10.05 7.87 -20.58
N PRO A 238 -9.46 7.92 -19.37
CA PRO A 238 -8.14 8.56 -19.15
C PRO A 238 -6.95 7.64 -19.47
N GLY A 239 -7.22 6.34 -19.62
CA GLY A 239 -6.16 5.35 -19.74
C GLY A 239 -6.37 4.27 -20.79
N TYR A 240 -5.27 3.70 -21.27
CA TYR A 240 -5.36 2.76 -22.40
C TYR A 240 -4.41 1.58 -22.26
N SER A 241 -4.69 0.52 -23.02
CA SER A 241 -3.79 -0.63 -23.08
C SER A 241 -3.80 -1.29 -24.47
N VAL A 242 -2.89 -2.24 -24.68
CA VAL A 242 -2.79 -2.99 -25.93
C VAL A 242 -2.71 -4.49 -25.63
N PRO A 243 -3.13 -5.35 -26.60
CA PRO A 243 -3.08 -6.80 -26.35
C PRO A 243 -1.67 -7.27 -26.03
N ALA A 244 -1.57 -8.18 -25.06
CA ALA A 244 -0.28 -8.60 -24.56
C ALA A 244 -0.38 -10.00 -23.98
N ALA A 245 0.71 -10.76 -24.14
CA ALA A 245 0.77 -12.11 -23.59
C ALA A 245 1.36 -12.07 -22.19
N GLU A 246 1.10 -13.13 -21.42
CA GLU A 246 1.80 -13.34 -20.15
C GLU A 246 2.52 -14.66 -20.28
N HIS A 247 3.28 -15.06 -19.27
CA HIS A 247 4.00 -16.34 -19.37
C HIS A 247 3.09 -17.52 -19.54
N SER A 248 1.91 -17.47 -18.92
CA SER A 248 0.99 -18.60 -19.06
C SER A 248 0.53 -18.83 -20.51
N THR A 249 0.35 -17.77 -21.30
CA THR A 249 -0.17 -17.94 -22.67
C THR A 249 0.91 -18.38 -23.66
N ILE A 250 2.17 -18.28 -23.24
CA ILE A 250 3.29 -18.85 -24.00
C ILE A 250 3.58 -20.27 -23.53
N THR A 251 3.78 -20.46 -22.23
CA THR A 251 4.21 -21.74 -21.71
C THR A 251 3.15 -22.84 -21.87
N ALA A 252 1.88 -22.47 -21.88
CA ALA A 252 0.79 -23.44 -22.06
C ALA A 252 0.90 -24.27 -23.34
N TRP A 253 1.60 -23.71 -24.32
CA TRP A 253 1.83 -24.42 -25.60
C TRP A 253 2.85 -25.54 -25.48
N GLY A 254 3.60 -25.56 -24.38
CA GLY A 254 4.64 -26.54 -24.18
C GLY A 254 6.03 -26.01 -24.49
N LYS A 255 7.01 -26.49 -23.75
CA LYS A 255 8.40 -26.05 -23.88
C LYS A 255 8.93 -26.09 -25.32
N ASP A 256 8.52 -27.08 -26.11
CA ASP A 256 9.01 -27.21 -27.48
C ASP A 256 8.22 -26.38 -28.48
N HIS A 257 7.31 -25.55 -28.01
CA HIS A 257 6.38 -24.89 -28.93
C HIS A 257 6.26 -23.39 -28.73
N GLU A 258 7.33 -22.76 -28.25
CA GLU A 258 7.33 -21.32 -28.04
C GLU A 258 7.08 -20.60 -29.37
N LYS A 259 7.71 -21.09 -30.43
CA LYS A 259 7.52 -20.49 -31.75
C LYS A 259 6.06 -20.51 -32.17
N ASP A 260 5.40 -21.64 -31.92
CA ASP A 260 3.97 -21.77 -32.22
C ASP A 260 3.13 -20.78 -31.44
N ALA A 261 3.45 -20.59 -30.16
CA ALA A 261 2.72 -19.63 -29.34
C ALA A 261 2.91 -18.23 -29.93
N PHE A 262 4.16 -17.88 -30.23
CA PHE A 262 4.49 -16.56 -30.78
C PHE A 262 3.70 -16.34 -32.07
N GLU A 263 3.76 -17.31 -32.97
CA GLU A 263 3.10 -17.17 -34.27
C GLU A 263 1.60 -17.01 -34.14
N HIS A 264 1.00 -17.80 -33.26
CA HIS A 264 -0.43 -17.73 -32.99
C HIS A 264 -0.85 -16.35 -32.50
N ILE A 265 -0.12 -15.83 -31.52
CA ILE A 265 -0.50 -14.57 -30.91
C ILE A 265 -0.30 -13.36 -31.85
N VAL A 266 0.82 -13.31 -32.58
CA VAL A 266 1.02 -12.16 -33.48
C VAL A 266 0.02 -12.21 -34.64
N THR A 267 -0.44 -13.40 -35.00
CA THR A 267 -1.41 -13.54 -36.09
C THR A 267 -2.82 -13.19 -35.63
N GLN A 268 -3.13 -13.53 -34.38
CA GLN A 268 -4.39 -13.13 -33.78
C GLN A 268 -4.48 -11.62 -33.71
N PHE A 269 -3.37 -10.99 -33.39
CA PHE A 269 -3.36 -9.54 -33.21
C PHE A 269 -2.48 -8.89 -34.27
N SER A 270 -2.89 -9.06 -35.53
CA SER A 270 -2.07 -8.67 -36.68
C SER A 270 -2.21 -7.19 -37.04
N SER A 271 -3.28 -6.57 -36.56
CA SER A 271 -3.61 -5.20 -36.98
C SER A 271 -3.53 -4.19 -35.85
N VAL A 272 -3.21 -4.66 -34.64
CA VAL A 272 -3.04 -3.76 -33.50
C VAL A 272 -1.64 -3.98 -32.92
N PRO A 273 -1.15 -3.03 -32.09
CA PRO A 273 0.14 -3.31 -31.46
C PRO A 273 0.02 -4.54 -30.55
N VAL A 274 1.06 -5.35 -30.47
CA VAL A 274 0.98 -6.54 -29.61
C VAL A 274 2.26 -6.76 -28.81
N SER A 275 2.11 -6.92 -27.49
CA SER A 275 3.25 -7.17 -26.61
C SER A 275 3.39 -8.67 -26.38
N VAL A 276 4.59 -9.20 -26.59
CA VAL A 276 4.83 -10.62 -26.39
C VAL A 276 6.04 -10.90 -25.49
N VAL A 277 5.76 -11.42 -24.30
CA VAL A 277 6.81 -11.80 -23.36
C VAL A 277 7.68 -12.90 -23.98
N SER A 278 8.98 -12.67 -23.99
CA SER A 278 9.89 -13.45 -24.81
C SER A 278 10.99 -14.18 -24.03
N ASP A 279 10.89 -14.16 -22.69
CA ASP A 279 11.94 -14.70 -21.84
C ASP A 279 11.56 -15.98 -21.08
N SER A 280 10.47 -16.64 -21.50
CA SER A 280 10.03 -17.86 -20.80
C SER A 280 11.15 -18.89 -20.62
N TYR A 281 11.97 -19.05 -21.66
CA TYR A 281 13.06 -20.01 -21.61
C TYR A 281 14.43 -19.39 -21.90
N ASP A 282 14.51 -18.59 -22.95
CA ASP A 282 15.78 -17.98 -23.32
C ASP A 282 15.45 -16.77 -24.18
N ILE A 283 15.51 -15.60 -23.55
CA ILE A 283 15.18 -14.32 -24.19
C ILE A 283 16.07 -14.03 -25.40
N TYR A 284 17.33 -14.43 -25.31
CA TYR A 284 18.26 -14.12 -26.40
C TYR A 284 18.03 -15.02 -27.62
N ASN A 285 17.73 -16.28 -27.38
CA ASN A 285 17.33 -17.20 -28.44
C ASN A 285 16.04 -16.76 -29.12
N ALA A 286 15.08 -16.34 -28.30
CA ALA A 286 13.78 -15.89 -28.81
C ALA A 286 13.94 -14.69 -29.75
N CYS A 287 14.80 -13.75 -29.38
CA CYS A 287 15.00 -12.56 -30.21
C CYS A 287 15.79 -12.89 -31.46
N GLU A 288 16.90 -13.61 -31.28
CA GLU A 288 17.79 -13.89 -32.40
C GLU A 288 17.26 -14.95 -33.38
N LYS A 289 16.73 -16.05 -32.85
CA LYS A 289 16.35 -17.18 -33.70
C LYS A 289 14.86 -17.19 -34.04
N ILE A 290 14.01 -16.97 -33.05
CA ILE A 290 12.58 -17.11 -33.29
C ILE A 290 12.00 -15.87 -33.96
N TRP A 291 12.10 -14.73 -33.30
CA TRP A 291 11.67 -13.49 -33.91
C TRP A 291 12.58 -13.12 -35.08
N GLY A 292 13.88 -13.28 -34.89
CA GLY A 292 14.85 -12.72 -35.83
C GLY A 292 15.07 -13.57 -37.07
N GLU A 293 14.60 -14.82 -37.03
CA GLU A 293 14.76 -15.73 -38.17
C GLU A 293 13.48 -16.47 -38.54
N ASP A 294 13.03 -17.41 -37.69
CA ASP A 294 11.86 -18.24 -38.01
C ASP A 294 10.59 -17.44 -38.31
N LEU A 295 10.35 -16.39 -37.54
CA LEU A 295 9.12 -15.62 -37.67
C LEU A 295 9.33 -14.20 -38.20
N ARG A 296 10.54 -13.92 -38.68
CA ARG A 296 10.87 -12.57 -39.17
C ARG A 296 9.88 -12.07 -40.24
N HIS A 297 9.35 -12.99 -41.04
CA HIS A 297 8.46 -12.61 -42.15
C HIS A 297 7.10 -12.11 -41.67
N LEU A 298 6.75 -12.44 -40.43
CA LEU A 298 5.48 -12.02 -39.86
C LEU A 298 5.62 -10.70 -39.13
N ILE A 299 6.87 -10.28 -38.95
CA ILE A 299 7.16 -9.06 -38.21
C ILE A 299 7.37 -7.90 -39.18
N VAL A 300 8.19 -8.11 -40.19
CA VAL A 300 8.53 -7.04 -41.13
C VAL A 300 7.35 -6.60 -42.00
N SER A 301 6.29 -7.39 -42.03
CA SER A 301 5.09 -7.08 -42.78
C SER A 301 4.11 -6.20 -42.00
N ARG A 302 4.41 -5.95 -40.72
CA ARG A 302 3.46 -5.26 -39.85
C ARG A 302 3.41 -3.74 -40.05
N SER A 303 2.23 -3.18 -39.81
CA SER A 303 2.00 -1.74 -39.85
C SER A 303 2.77 -0.95 -38.79
N THR A 304 3.00 0.33 -39.07
CA THR A 304 3.61 1.23 -38.11
C THR A 304 2.67 1.49 -36.93
N GLN A 305 1.38 1.34 -37.18
CA GLN A 305 0.39 1.52 -36.12
C GLN A 305 0.15 0.23 -35.34
N ALA A 306 0.90 -0.81 -35.70
CA ALA A 306 0.73 -2.11 -35.06
C ALA A 306 2.03 -2.91 -34.95
N PRO A 307 3.04 -2.35 -34.26
CA PRO A 307 4.32 -3.06 -34.13
C PRO A 307 4.23 -4.30 -33.24
N LEU A 308 5.17 -5.22 -33.43
CA LEU A 308 5.46 -6.20 -32.38
C LEU A 308 6.25 -5.51 -31.28
N ILE A 309 5.82 -5.69 -30.03
CA ILE A 309 6.58 -5.14 -28.93
C ILE A 309 7.15 -6.29 -28.11
N ILE A 310 8.47 -6.43 -28.17
CA ILE A 310 9.12 -7.56 -27.51
C ILE A 310 9.33 -7.25 -26.04
N ARG A 311 8.90 -8.17 -25.18
CA ARG A 311 8.99 -7.94 -23.73
C ARG A 311 9.92 -8.90 -23.00
N PRO A 312 11.13 -8.45 -22.71
CA PRO A 312 11.99 -9.21 -21.78
C PRO A 312 11.41 -9.03 -20.39
N ASP A 313 11.73 -9.93 -19.46
CA ASP A 313 11.14 -9.84 -18.11
C ASP A 313 12.06 -10.43 -17.03
N SER A 314 13.35 -10.51 -17.31
CA SER A 314 14.28 -11.09 -16.34
C SER A 314 15.72 -10.74 -16.66
N GLY A 315 16.61 -10.96 -15.69
CA GLY A 315 18.01 -10.59 -15.83
C GLY A 315 18.24 -9.17 -15.33
N ASN A 316 19.48 -8.74 -15.33
CA ASN A 316 19.79 -7.34 -15.06
C ASN A 316 19.05 -6.48 -16.08
N PRO A 317 18.19 -5.55 -15.61
CA PRO A 317 17.36 -4.76 -16.54
C PRO A 317 18.16 -4.02 -17.60
N LEU A 318 19.25 -3.36 -17.21
CA LEU A 318 20.05 -2.63 -18.17
C LEU A 318 20.74 -3.59 -19.13
N ASP A 319 21.43 -4.58 -18.59
CA ASP A 319 22.19 -5.50 -19.42
C ASP A 319 21.30 -6.21 -20.44
N THR A 320 20.11 -6.61 -19.98
CA THR A 320 19.19 -7.34 -20.82
C THR A 320 18.64 -6.46 -21.93
N VAL A 321 18.24 -5.23 -21.59
CA VAL A 321 17.75 -4.29 -22.60
C VAL A 321 18.81 -4.05 -23.69
N LEU A 322 20.06 -3.84 -23.27
CA LEU A 322 21.13 -3.56 -24.24
C LEU A 322 21.38 -4.76 -25.15
N LYS A 323 21.44 -5.95 -24.57
CA LYS A 323 21.68 -7.16 -25.35
C LYS A 323 20.53 -7.47 -26.29
N VAL A 324 19.29 -7.24 -25.84
CA VAL A 324 18.12 -7.38 -26.70
C VAL A 324 18.16 -6.42 -27.91
N LEU A 325 18.48 -5.16 -27.67
CA LEU A 325 18.61 -4.19 -28.77
C LEU A 325 19.73 -4.59 -29.73
N GLU A 326 20.86 -5.01 -29.17
CA GLU A 326 22.02 -5.43 -29.97
C GLU A 326 21.67 -6.61 -30.89
N ILE A 327 21.01 -7.62 -30.32
CA ILE A 327 20.49 -8.74 -31.10
C ILE A 327 19.54 -8.28 -32.22
N LEU A 328 18.55 -7.47 -31.88
CA LEU A 328 17.55 -7.05 -32.85
C LEU A 328 18.14 -6.20 -33.96
N GLY A 329 19.11 -5.37 -33.59
CA GLY A 329 19.76 -4.48 -34.54
C GLY A 329 20.53 -5.22 -35.62
N LYS A 330 20.88 -6.48 -35.34
CA LYS A 330 21.63 -7.27 -36.31
C LYS A 330 20.70 -8.14 -37.15
N LYS A 331 19.47 -8.28 -36.69
CA LYS A 331 18.48 -9.09 -37.38
C LYS A 331 17.48 -8.27 -38.18
N PHE A 332 17.39 -6.98 -37.87
CA PHE A 332 16.41 -6.10 -38.48
C PHE A 332 17.10 -4.84 -38.98
N PRO A 333 16.51 -4.19 -39.99
CA PRO A 333 17.15 -2.98 -40.53
C PRO A 333 17.05 -1.78 -39.60
N VAL A 334 18.19 -1.35 -39.06
CA VAL A 334 18.23 -0.21 -38.15
C VAL A 334 18.58 1.05 -38.93
N THR A 335 17.93 2.15 -38.58
CA THR A 335 18.29 3.44 -39.16
C THR A 335 19.03 4.29 -38.12
N GLU A 336 19.64 5.37 -38.59
CA GLU A 336 20.25 6.33 -37.67
C GLU A 336 19.48 7.63 -37.79
N ASN A 337 18.95 8.13 -36.68
CA ASN A 337 18.14 9.34 -36.72
C ASN A 337 18.97 10.61 -36.81
N SER A 338 18.30 11.76 -36.83
CA SER A 338 18.99 13.01 -37.10
C SER A 338 19.86 13.43 -35.93
N LYS A 339 19.68 12.76 -34.79
CA LYS A 339 20.50 13.06 -33.61
C LYS A 339 21.70 12.12 -33.52
N GLY A 340 21.77 11.14 -34.41
CA GLY A 340 22.87 10.19 -34.44
C GLY A 340 22.59 8.88 -33.70
N TYR A 341 21.35 8.70 -33.29
CA TYR A 341 20.98 7.54 -32.49
C TYR A 341 20.30 6.45 -33.31
N LYS A 342 20.51 5.21 -32.91
CA LYS A 342 19.98 4.08 -33.67
C LYS A 342 18.50 3.85 -33.38
N LEU A 343 17.77 3.52 -34.45
CA LEU A 343 16.33 3.36 -34.36
C LEU A 343 15.87 2.07 -35.05
N LEU A 344 15.17 1.22 -34.29
CA LEU A 344 14.57 0.02 -34.83
C LEU A 344 13.56 0.38 -35.91
N PRO A 345 13.25 -0.56 -36.82
CA PRO A 345 12.16 -0.27 -37.77
C PRO A 345 10.85 -0.06 -37.02
N PRO A 346 9.93 0.69 -37.62
CA PRO A 346 8.70 1.12 -36.93
C PRO A 346 7.80 -0.03 -36.51
N TYR A 347 8.00 -1.21 -37.09
CA TYR A 347 7.14 -2.34 -36.77
C TYR A 347 7.66 -3.14 -35.55
N LEU A 348 8.71 -2.63 -34.92
CA LEU A 348 9.40 -3.38 -33.85
C LEU A 348 9.86 -2.50 -32.70
N ARG A 349 9.37 -2.78 -31.50
CA ARG A 349 9.72 -2.00 -30.33
C ARG A 349 9.99 -2.93 -29.13
N VAL A 350 10.48 -2.36 -28.03
CA VAL A 350 10.78 -3.12 -26.83
C VAL A 350 10.07 -2.48 -25.62
N ILE A 351 9.57 -3.32 -24.71
CA ILE A 351 9.12 -2.81 -23.41
C ILE A 351 9.84 -3.58 -22.32
N GLN A 352 10.45 -2.84 -21.38
CA GLN A 352 11.12 -3.45 -20.24
C GLN A 352 10.16 -3.28 -19.06
N GLY A 353 9.62 -4.40 -18.57
CA GLY A 353 8.60 -4.33 -17.53
C GLY A 353 8.97 -5.04 -16.25
N ASP A 354 10.25 -5.31 -16.08
CA ASP A 354 10.76 -5.98 -14.89
C ASP A 354 11.80 -5.10 -14.20
N GLY A 355 11.70 -5.02 -12.88
CA GLY A 355 12.69 -4.33 -12.06
C GLY A 355 12.79 -2.84 -12.27
N VAL A 356 11.69 -2.24 -12.74
CA VAL A 356 11.69 -0.81 -13.05
C VAL A 356 11.19 0.02 -11.89
N ASP A 357 12.05 0.92 -11.42
CA ASP A 357 11.65 1.99 -10.52
C ASP A 357 12.38 3.25 -10.96
N ILE A 358 12.26 4.34 -10.21
CA ILE A 358 12.85 5.60 -10.65
C ILE A 358 14.38 5.52 -10.75
N ASN A 359 15.00 4.74 -9.88
CA ASN A 359 16.44 4.53 -9.94
C ASN A 359 16.89 3.73 -11.16
N THR A 360 16.24 2.61 -11.41
CA THR A 360 16.67 1.77 -12.52
C THR A 360 16.25 2.34 -13.88
N LEU A 361 15.13 3.08 -13.90
CA LEU A 361 14.70 3.78 -15.10
C LEU A 361 15.81 4.70 -15.60
N GLN A 362 16.32 5.52 -14.70
CA GLN A 362 17.44 6.42 -15.00
C GLN A 362 18.66 5.66 -15.53
N GLU A 363 19.02 4.56 -14.87
CA GLU A 363 20.19 3.77 -15.29
C GLU A 363 20.03 3.19 -16.69
N ILE A 364 18.83 2.74 -17.00
CA ILE A 364 18.57 2.15 -18.31
C ILE A 364 18.65 3.18 -19.43
N VAL A 365 17.96 4.30 -19.29
CA VAL A 365 17.99 5.30 -20.39
C VAL A 365 19.40 5.88 -20.58
N GLU A 366 20.14 6.08 -19.49
CA GLU A 366 21.50 6.59 -19.60
C GLU A 366 22.40 5.55 -20.29
N GLY A 367 22.16 4.28 -19.99
CA GLY A 367 22.94 3.20 -20.57
C GLY A 367 22.64 3.06 -22.04
N MET A 368 21.38 3.20 -22.39
CA MET A 368 20.96 3.22 -23.79
C MET A 368 21.62 4.37 -24.54
N LYS A 369 21.63 5.55 -23.93
CA LYS A 369 22.24 6.72 -24.56
C LYS A 369 23.73 6.48 -24.84
N GLN A 370 24.42 5.89 -23.87
CA GLN A 370 25.84 5.59 -23.98
C GLN A 370 26.11 4.68 -25.18
N LYS A 371 25.19 3.75 -25.41
CA LYS A 371 25.34 2.80 -26.51
C LYS A 371 24.65 3.27 -27.79
N MET A 372 24.27 4.55 -27.82
CA MET A 372 23.72 5.22 -29.00
C MET A 372 22.37 4.67 -29.45
N TRP A 373 21.57 4.19 -28.51
CA TRP A 373 20.21 3.73 -28.81
C TRP A 373 19.18 4.81 -28.46
N SER A 374 18.33 5.17 -29.42
CA SER A 374 17.31 6.18 -29.14
C SER A 374 16.30 5.65 -28.12
N ILE A 375 15.78 6.54 -27.27
CA ILE A 375 14.76 6.17 -26.32
C ILE A 375 13.43 5.90 -27.06
N GLU A 376 13.36 6.35 -28.31
CA GLU A 376 12.21 6.00 -29.16
C GLU A 376 11.95 4.49 -29.18
N ASN A 377 13.01 3.69 -29.06
CA ASN A 377 12.94 2.25 -29.18
C ASN A 377 12.19 1.53 -28.07
N ILE A 378 12.04 2.19 -26.93
CA ILE A 378 11.66 1.47 -25.71
C ILE A 378 10.56 2.16 -24.93
N ALA A 379 9.81 1.37 -24.16
CA ALA A 379 8.86 1.88 -23.19
C ALA A 379 9.07 1.06 -21.93
N PHE A 380 8.46 1.50 -20.82
CA PHE A 380 8.72 0.86 -19.55
C PHE A 380 7.40 0.49 -18.87
N GLY A 381 7.41 -0.63 -18.16
CA GLY A 381 6.31 -1.02 -17.31
C GLY A 381 6.80 -1.10 -15.87
N SER A 382 6.03 -0.57 -14.93
CA SER A 382 6.42 -0.61 -13.53
C SER A 382 5.20 -0.98 -12.72
N GLY A 383 5.39 -1.87 -11.75
CA GLY A 383 4.30 -2.34 -10.92
C GLY A 383 4.47 -1.96 -9.46
N GLY A 384 5.14 -2.80 -8.70
CA GLY A 384 5.42 -2.50 -7.31
C GLY A 384 6.21 -1.22 -7.14
N GLY A 385 7.20 -1.02 -8.01
CA GLY A 385 8.01 0.19 -7.95
C GLY A 385 7.20 1.47 -8.14
N LEU A 386 6.13 1.38 -8.93
CA LEU A 386 5.31 2.54 -9.26
C LEU A 386 4.24 2.85 -8.21
N LEU A 387 3.61 1.80 -7.69
CA LEU A 387 2.41 1.98 -6.84
C LEU A 387 2.51 1.44 -5.41
N GLN A 388 3.53 0.66 -5.11
CA GLN A 388 3.62 0.06 -3.77
C GLN A 388 4.88 0.42 -2.97
N LYS A 389 6.04 0.45 -3.63
CA LYS A 389 7.28 0.76 -2.92
C LYS A 389 7.41 2.28 -2.66
N LEU A 390 6.45 2.81 -1.90
CA LEU A 390 6.42 4.22 -1.55
C LEU A 390 5.86 4.34 -0.15
N THR A 391 6.35 5.31 0.62
CA THR A 391 5.87 5.54 1.99
C THR A 391 5.62 7.02 2.23
N ARG A 392 4.98 7.30 3.37
CA ARG A 392 4.65 8.66 3.77
C ARG A 392 5.92 9.46 4.07
N ASP A 393 7.00 8.74 4.37
CA ASP A 393 8.29 9.35 4.68
C ASP A 393 8.98 9.93 3.45
N LEU A 394 8.62 9.42 2.26
CA LEU A 394 9.32 9.83 1.04
C LEU A 394 9.27 11.35 0.84
N LEU A 395 8.09 11.95 1.01
CA LEU A 395 7.95 13.40 0.91
C LEU A 395 7.62 14.03 2.27
N ASN A 396 7.79 13.27 3.34
CA ASN A 396 7.45 13.74 4.70
C ASN A 396 6.08 14.38 4.76
N CYS A 397 5.08 13.66 4.26
CA CYS A 397 3.70 14.10 4.30
C CYS A 397 3.22 14.10 5.74
N SER A 398 2.74 15.26 6.20
CA SER A 398 2.49 15.44 7.62
C SER A 398 1.40 16.49 7.91
N PHE A 399 0.66 16.25 8.99
CA PHE A 399 -0.51 17.04 9.34
C PHE A 399 -0.26 17.50 10.75
N LYS A 400 -0.27 18.81 10.99
CA LYS A 400 0.00 19.35 12.33
C LYS A 400 -0.94 20.49 12.70
N CYS A 401 -1.23 20.62 13.99
CA CYS A 401 -1.97 21.77 14.51
C CYS A 401 -1.05 23.00 14.58
N SER A 402 -1.48 24.12 14.00
CA SER A 402 -0.67 25.35 14.03
C SER A 402 -1.33 26.54 14.74
N TYR A 403 -2.61 26.41 15.08
CA TYR A 403 -3.34 27.54 15.62
C TYR A 403 -4.52 27.06 16.44
N VAL A 404 -4.65 27.58 17.66
CA VAL A 404 -5.83 27.33 18.47
C VAL A 404 -6.38 28.65 19.01
N VAL A 405 -7.67 28.67 19.29
CA VAL A 405 -8.26 29.78 20.01
C VAL A 405 -8.74 29.25 21.37
N THR A 406 -8.23 29.82 22.46
CA THR A 406 -8.59 29.36 23.80
C THR A 406 -8.96 30.60 24.63
N ASN A 407 -10.13 30.57 25.26
CA ASN A 407 -10.66 31.75 25.94
C ASN A 407 -10.73 32.97 25.05
N GLY A 408 -11.07 32.75 23.78
CA GLY A 408 -11.17 33.83 22.81
C GLY A 408 -9.85 34.41 22.33
N LEU A 409 -8.73 33.87 22.82
CA LEU A 409 -7.41 34.34 22.38
C LEU A 409 -6.76 33.33 21.44
N GLY A 410 -6.38 33.78 20.25
CA GLY A 410 -5.70 32.90 19.31
C GLY A 410 -4.26 32.72 19.71
N ILE A 411 -3.74 31.50 19.63
CA ILE A 411 -2.32 31.30 19.92
C ILE A 411 -1.68 30.41 18.85
N ASN A 412 -0.47 30.79 18.45
CA ASN A 412 0.28 30.08 17.42
C ASN A 412 1.02 28.92 18.08
N VAL A 413 0.70 27.70 17.65
CA VAL A 413 1.28 26.52 18.27
C VAL A 413 2.07 25.69 17.26
N PHE A 414 2.95 24.84 17.78
CA PHE A 414 3.91 24.14 16.92
C PHE A 414 4.68 23.12 17.76
N LYS A 415 5.34 22.19 17.08
CA LYS A 415 6.31 21.31 17.74
C LYS A 415 7.70 21.66 17.21
N ASP A 416 8.72 21.35 17.99
CA ASP A 416 10.09 21.68 17.59
C ASP A 416 11.05 20.82 18.40
N PRO A 417 11.12 19.52 18.08
CA PRO A 417 11.87 18.57 18.92
C PRO A 417 13.36 18.88 18.89
N VAL A 418 13.97 18.89 20.07
CA VAL A 418 15.35 19.32 20.24
C VAL A 418 16.33 18.49 19.39
N ALA A 419 16.03 17.22 19.23
CA ALA A 419 16.96 16.32 18.54
C ALA A 419 16.72 16.24 17.05
N ASP A 420 15.65 16.87 16.56
CA ASP A 420 15.35 16.82 15.13
C ASP A 420 14.66 18.08 14.61
N PRO A 421 15.46 19.09 14.25
CA PRO A 421 14.97 20.35 13.65
C PRO A 421 14.11 20.12 12.41
N ASN A 422 14.34 19.01 11.69
CA ASN A 422 13.55 18.69 10.53
C ASN A 422 12.07 18.43 10.83
N LYS A 423 11.75 18.18 12.10
CA LYS A 423 10.37 17.90 12.48
C LYS A 423 9.65 19.13 13.05
N ARG A 424 10.32 20.29 13.01
CA ARG A 424 9.70 21.53 13.47
C ARG A 424 8.50 21.83 12.58
N SER A 425 7.39 22.27 13.19
CA SER A 425 6.18 22.55 12.41
C SER A 425 5.90 24.06 12.34
N LYS A 426 5.03 24.47 11.41
CA LYS A 426 4.74 25.89 11.16
C LYS A 426 3.83 26.50 12.23
N LYS A 427 3.87 27.82 12.36
CA LYS A 427 3.17 28.54 13.43
C LYS A 427 2.01 29.38 12.92
N GLY A 428 0.84 29.25 13.55
CA GLY A 428 -0.29 30.14 13.29
C GLY A 428 -1.10 29.87 12.03
N ARG A 429 -1.92 30.85 11.64
CA ARG A 429 -2.75 30.74 10.45
C ARG A 429 -1.88 30.89 9.20
N LEU A 430 -2.07 29.98 8.24
CA LEU A 430 -1.17 29.88 7.12
C LEU A 430 -1.85 30.32 5.84
N SER A 431 -1.03 30.71 4.87
CA SER A 431 -1.52 31.02 3.53
C SER A 431 -0.40 30.81 2.50
N LEU A 432 -0.79 30.52 1.26
CA LEU A 432 0.14 30.20 0.18
C LEU A 432 0.08 31.31 -0.87
N HIS A 433 1.23 31.84 -1.26
CA HIS A 433 1.27 32.98 -2.17
C HIS A 433 2.35 32.84 -3.24
N ARG A 434 2.18 33.57 -4.35
CA ARG A 434 3.23 33.71 -5.34
C ARG A 434 4.19 34.77 -4.86
N THR A 435 5.48 34.51 -5.04
CA THR A 435 6.52 35.48 -4.72
C THR A 435 6.71 36.40 -5.93
N PRO A 436 7.40 37.55 -5.77
CA PRO A 436 7.59 38.42 -6.94
C PRO A 436 8.35 37.74 -8.08
N ALA A 437 9.19 36.75 -7.77
CA ALA A 437 9.92 36.04 -8.82
C ALA A 437 9.12 34.87 -9.39
N GLY A 438 7.93 34.64 -8.86
CA GLY A 438 7.02 33.66 -9.43
C GLY A 438 7.04 32.31 -8.73
N ASN A 439 7.72 32.23 -7.60
CA ASN A 439 7.81 31.00 -6.84
C ASN A 439 6.72 30.95 -5.80
N PHE A 440 6.82 30.02 -4.86
CA PHE A 440 5.81 29.89 -3.82
C PHE A 440 6.39 30.24 -2.46
N VAL A 441 5.56 30.86 -1.61
CA VAL A 441 5.94 31.06 -0.22
C VAL A 441 4.73 30.78 0.67
N THR A 442 4.97 30.16 1.82
CA THR A 442 3.92 29.97 2.81
C THR A 442 4.11 30.98 3.93
N LEU A 443 3.10 31.82 4.14
CA LEU A 443 3.19 32.84 5.19
C LEU A 443 2.60 32.31 6.48
N GLU A 444 3.29 32.55 7.59
CA GLU A 444 2.85 32.03 8.88
C GLU A 444 2.31 33.15 9.76
N GLU A 445 1.78 32.75 10.93
CA GLU A 445 1.34 33.69 11.94
C GLU A 445 0.30 34.70 11.45
N GLY A 446 -0.48 34.29 10.44
CA GLY A 446 -1.54 35.13 9.92
C GLY A 446 -1.05 36.30 9.10
N LYS A 447 0.25 36.31 8.82
CA LYS A 447 0.88 37.39 8.05
C LYS A 447 0.29 37.58 6.64
N GLY A 448 -0.47 36.59 6.18
CA GLY A 448 -1.16 36.71 4.91
C GLY A 448 -2.20 37.81 4.93
N ASP A 449 -2.71 38.12 6.13
CA ASP A 449 -3.71 39.17 6.28
C ASP A 449 -3.19 40.57 5.96
N LEU A 450 -1.86 40.73 5.97
CA LEU A 450 -1.25 42.02 5.65
C LEU A 450 -1.36 42.33 4.15
N GLU A 451 -1.67 41.30 3.36
CA GLU A 451 -1.92 41.46 1.92
C GLU A 451 -0.75 42.11 1.17
N GLU A 452 0.47 41.66 1.49
CA GLU A 452 1.66 42.15 0.82
C GLU A 452 2.06 41.23 -0.32
N TYR A 453 1.38 40.10 -0.41
CA TYR A 453 1.80 39.02 -1.31
C TYR A 453 0.72 38.53 -2.26
N GLY A 454 -0.25 39.37 -2.59
CA GLY A 454 -1.28 38.94 -3.52
C GLY A 454 -2.17 37.85 -2.91
N GLN A 455 -2.99 37.21 -3.74
CA GLN A 455 -4.05 36.35 -3.24
C GLN A 455 -3.56 35.00 -2.68
N ASP A 456 -4.18 34.57 -1.60
CA ASP A 456 -3.95 33.24 -1.06
C ASP A 456 -4.33 32.22 -2.11
N LEU A 457 -3.42 31.30 -2.41
CA LEU A 457 -3.66 30.28 -3.43
C LEU A 457 -4.50 29.10 -2.96
N LEU A 458 -4.70 29.01 -1.64
CA LEU A 458 -5.58 28.00 -1.06
C LEU A 458 -7.03 28.40 -1.28
N HIS A 459 -7.84 27.48 -1.79
CA HIS A 459 -9.28 27.74 -1.99
C HIS A 459 -10.11 26.83 -1.11
N THR A 460 -11.25 27.32 -0.62
CA THR A 460 -12.16 26.45 0.12
C THR A 460 -12.69 25.35 -0.80
N VAL A 461 -12.45 24.10 -0.42
CA VAL A 461 -12.92 22.96 -1.19
C VAL A 461 -13.99 22.16 -0.44
N PHE A 462 -14.04 22.33 0.89
CA PHE A 462 -15.01 21.62 1.70
C PHE A 462 -15.45 22.56 2.82
N LYS A 463 -16.77 22.64 3.05
CA LYS A 463 -17.30 23.44 4.15
C LYS A 463 -18.65 22.89 4.59
N ASN A 464 -18.75 22.55 5.87
CA ASN A 464 -20.00 22.10 6.47
C ASN A 464 -20.73 20.99 5.68
N GLY A 465 -19.97 19.98 5.27
CA GLY A 465 -20.53 18.79 4.67
C GLY A 465 -20.68 18.83 3.15
N LYS A 466 -20.34 19.97 2.54
CA LYS A 466 -20.48 20.14 1.09
C LYS A 466 -19.14 20.36 0.42
N VAL A 467 -18.95 19.74 -0.74
CA VAL A 467 -17.77 20.02 -1.57
C VAL A 467 -18.04 21.31 -2.34
N THR A 468 -17.19 22.31 -2.13
CA THR A 468 -17.48 23.68 -2.58
C THR A 468 -16.70 24.08 -3.83
N LYS A 469 -15.61 23.37 -4.10
CA LYS A 469 -14.87 23.58 -5.34
C LYS A 469 -14.29 22.25 -5.79
N SER A 470 -14.50 21.92 -7.07
CA SER A 470 -14.07 20.67 -7.66
C SER A 470 -13.23 20.90 -8.92
N TYR A 471 -12.37 19.94 -9.23
CA TYR A 471 -11.53 20.03 -10.43
C TYR A 471 -11.75 18.84 -11.33
N SER A 472 -11.75 19.07 -12.65
CA SER A 472 -11.83 17.95 -13.56
C SER A 472 -10.44 17.35 -13.68
N PHE A 473 -10.37 16.12 -14.15
CA PHE A 473 -9.10 15.45 -14.32
C PHE A 473 -8.30 16.12 -15.45
N ASP A 474 -9.02 16.74 -16.38
CA ASP A 474 -8.38 17.50 -17.46
C ASP A 474 -7.61 18.70 -16.91
N GLU A 475 -8.21 19.42 -15.95
CA GLU A 475 -7.52 20.56 -15.36
C GLU A 475 -6.28 20.11 -14.58
N ILE A 476 -6.43 19.00 -13.85
CA ILE A 476 -5.34 18.47 -13.04
C ILE A 476 -4.14 18.07 -13.91
N ARG A 477 -4.41 17.40 -15.01
CA ARG A 477 -3.36 17.04 -15.96
C ARG A 477 -2.66 18.31 -16.47
N LYS A 478 -3.44 19.34 -16.76
CA LYS A 478 -2.87 20.59 -17.27
C LYS A 478 -1.98 21.23 -16.23
N ASN A 479 -2.44 21.22 -14.98
CA ASN A 479 -1.66 21.80 -13.89
C ASN A 479 -0.34 21.07 -13.66
N ALA A 480 -0.33 19.76 -13.90
CA ALA A 480 0.85 18.93 -13.58
C ALA A 480 1.81 18.73 -14.76
N GLN A 481 1.62 19.48 -15.84
CA GLN A 481 2.52 19.37 -16.98
C GLN A 481 3.97 19.67 -16.61
N LEU A 482 4.90 19.05 -17.32
CA LEU A 482 6.30 19.37 -17.17
C LEU A 482 6.59 20.70 -17.86
N ASN A 483 7.57 21.44 -17.34
CA ASN A 483 8.07 22.64 -18.02
C ASN A 483 8.51 22.33 -19.46
N ILE A 484 9.18 21.20 -19.64
CA ILE A 484 9.69 20.80 -20.96
C ILE A 484 8.56 20.59 -21.97
N GLU A 485 7.40 20.14 -21.49
CA GLU A 485 6.20 20.03 -22.32
C GLU A 485 5.66 21.44 -22.62
N LEU A 486 5.62 22.27 -21.57
CA LEU A 486 5.20 23.66 -21.68
C LEU A 486 6.04 24.40 -22.73
N GLU A 487 7.34 24.19 -22.70
CA GLU A 487 8.26 24.83 -23.64
C GLU A 487 8.28 24.10 -24.97
N GLU B 8 -20.62 -0.49 -7.15
CA GLU B 8 -20.56 -1.91 -6.80
C GLU B 8 -19.41 -2.61 -7.52
N PHE B 9 -18.65 -3.41 -6.78
CA PHE B 9 -17.49 -4.12 -7.32
C PHE B 9 -17.87 -5.08 -8.44
N ASN B 10 -17.08 -5.05 -9.50
CA ASN B 10 -17.33 -5.86 -10.69
C ASN B 10 -16.09 -6.68 -11.07
N ILE B 11 -16.15 -7.98 -10.82
CA ILE B 11 -14.99 -8.86 -11.02
C ILE B 11 -14.52 -8.92 -12.48
N LEU B 12 -15.40 -8.57 -13.41
CA LEU B 12 -15.03 -8.49 -14.83
C LEU B 12 -14.10 -7.31 -15.08
N LEU B 13 -14.08 -6.37 -14.15
CA LEU B 13 -13.22 -5.19 -14.26
C LEU B 13 -12.06 -5.21 -13.27
N ALA B 14 -11.88 -6.33 -12.58
CA ALA B 14 -10.86 -6.41 -11.55
C ALA B 14 -9.73 -7.36 -11.95
N THR B 15 -9.27 -7.24 -13.19
CA THR B 15 -8.14 -8.02 -13.67
C THR B 15 -7.15 -7.08 -14.38
N ASP B 16 -5.94 -7.55 -14.64
CA ASP B 16 -5.00 -6.77 -15.45
C ASP B 16 -5.61 -6.68 -16.84
N SER B 17 -5.61 -5.48 -17.41
CA SER B 17 -6.22 -5.21 -18.72
C SER B 17 -5.89 -6.26 -19.76
N TYR B 18 -4.62 -6.64 -19.84
CA TYR B 18 -4.18 -7.53 -20.91
C TYR B 18 -4.80 -8.94 -20.81
N LYS B 19 -5.19 -9.37 -19.61
CA LYS B 19 -5.79 -10.69 -19.46
C LYS B 19 -7.14 -10.80 -20.16
N VAL B 20 -7.71 -9.65 -20.52
CA VAL B 20 -8.97 -9.62 -21.23
C VAL B 20 -8.83 -10.32 -22.59
N THR B 21 -7.63 -10.26 -23.16
CA THR B 21 -7.35 -10.86 -24.46
C THR B 21 -6.76 -12.28 -24.43
N HIS B 22 -6.61 -12.85 -23.24
CA HIS B 22 -5.92 -14.15 -23.12
C HIS B 22 -6.70 -15.37 -23.59
N TYR B 23 -8.03 -15.30 -23.58
CA TYR B 23 -8.84 -16.42 -24.04
C TYR B 23 -8.57 -16.67 -25.54
N LYS B 24 -7.97 -15.69 -26.19
CA LYS B 24 -7.60 -15.80 -27.60
C LYS B 24 -6.15 -16.24 -27.80
N GLN B 25 -5.42 -16.51 -26.73
CA GLN B 25 -3.98 -16.76 -26.85
C GLN B 25 -3.56 -18.19 -26.46
N TYR B 26 -4.36 -18.85 -25.65
CA TYR B 26 -4.07 -20.24 -25.27
C TYR B 26 -4.17 -21.16 -26.48
N PRO B 27 -3.50 -22.33 -26.43
CA PRO B 27 -3.64 -23.30 -27.53
C PRO B 27 -5.10 -23.64 -27.75
N PRO B 28 -5.52 -23.74 -29.02
CA PRO B 28 -6.88 -24.18 -29.35
C PRO B 28 -7.23 -25.48 -28.63
N ASN B 29 -8.49 -25.64 -28.25
CA ASN B 29 -8.97 -26.86 -27.61
C ASN B 29 -8.34 -27.12 -26.24
N THR B 30 -8.05 -26.05 -25.50
CA THR B 30 -7.56 -26.18 -24.13
C THR B 30 -8.77 -26.25 -23.20
N SER B 31 -8.84 -27.28 -22.37
CA SER B 31 -10.02 -27.50 -21.55
C SER B 31 -9.75 -27.23 -20.07
N LYS B 32 -8.47 -27.13 -19.72
CA LYS B 32 -8.06 -26.97 -18.33
C LYS B 32 -6.82 -26.09 -18.23
N VAL B 33 -6.88 -25.08 -17.37
CA VAL B 33 -5.69 -24.34 -16.97
C VAL B 33 -5.57 -24.45 -15.46
N TYR B 34 -4.40 -24.86 -14.99
CA TYR B 34 -4.17 -25.12 -13.57
C TYR B 34 -2.98 -24.30 -13.15
N SER B 35 -3.15 -23.50 -12.10
CA SER B 35 -2.11 -22.57 -11.65
C SER B 35 -1.91 -22.65 -10.13
N TYR B 36 -0.81 -22.09 -9.64
CA TYR B 36 -0.49 -22.17 -8.21
C TYR B 36 0.20 -20.89 -7.70
N PHE B 37 0.13 -20.69 -6.39
CA PHE B 37 0.76 -19.55 -5.76
C PHE B 37 1.85 -20.06 -4.81
N GLU B 38 3.00 -19.42 -4.83
CA GLU B 38 4.07 -19.70 -3.87
C GLU B 38 4.79 -18.41 -3.49
N CYS B 39 5.48 -18.47 -2.35
CA CYS B 39 6.48 -17.48 -1.97
C CYS B 39 7.83 -18.07 -2.39
N ARG B 40 8.20 -17.78 -3.62
CA ARG B 40 9.33 -18.43 -4.29
C ARG B 40 10.62 -18.25 -3.50
N GLU B 41 11.40 -19.33 -3.45
CA GLU B 41 12.65 -19.36 -2.73
C GLU B 41 13.69 -18.51 -3.44
N LYS B 42 14.48 -17.77 -2.67
CA LYS B 42 15.66 -17.07 -3.20
C LYS B 42 16.94 -17.87 -2.98
N VAL B 52 17.06 -9.92 5.21
CA VAL B 52 16.18 -11.09 5.18
C VAL B 52 16.17 -11.80 6.53
N LYS B 53 16.06 -13.12 6.50
CA LYS B 53 16.01 -13.86 5.26
C LYS B 53 14.59 -14.35 4.93
N TYR B 54 13.70 -14.27 5.90
CA TYR B 54 12.30 -14.69 5.72
C TYR B 54 12.19 -16.11 5.15
N GLU B 55 12.68 -17.08 5.91
CA GLU B 55 12.73 -18.46 5.45
C GLU B 55 11.36 -19.14 5.48
N GLU B 56 10.46 -18.61 6.30
CA GLU B 56 9.12 -19.20 6.41
C GLU B 56 8.08 -18.09 6.39
N THR B 57 6.89 -18.39 5.88
CA THR B 57 5.86 -17.36 5.74
C THR B 57 4.57 -17.80 6.41
N VAL B 58 3.85 -16.84 6.97
CA VAL B 58 2.50 -17.09 7.49
C VAL B 58 1.49 -17.01 6.35
N PHE B 59 0.73 -18.06 6.10
CA PHE B 59 -0.28 -17.96 5.05
C PHE B 59 -1.55 -17.40 5.65
N TYR B 60 -1.87 -16.18 5.27
CA TYR B 60 -3.06 -15.52 5.82
C TYR B 60 -3.69 -14.59 4.78
N GLY B 61 -5.01 -14.64 4.69
CA GLY B 61 -5.75 -13.61 3.98
C GLY B 61 -6.56 -14.01 2.76
N LEU B 62 -6.37 -15.23 2.28
CA LEU B 62 -7.13 -15.73 1.13
C LEU B 62 -8.63 -15.75 1.44
N GLN B 63 -8.99 -16.11 2.67
CA GLN B 63 -10.39 -16.21 3.07
C GLN B 63 -11.16 -14.88 2.92
N TYR B 64 -10.48 -13.76 3.19
CA TYR B 64 -11.05 -12.43 2.97
C TYR B 64 -11.41 -12.21 1.50
N ILE B 65 -10.49 -12.57 0.62
CA ILE B 65 -10.67 -12.41 -0.81
C ILE B 65 -11.78 -13.32 -1.35
N LEU B 66 -11.78 -14.58 -0.92
CA LEU B 66 -12.81 -15.54 -1.32
C LEU B 66 -14.20 -14.98 -1.02
N ASN B 67 -14.40 -14.54 0.21
CA ASN B 67 -15.70 -14.03 0.64
C ASN B 67 -16.09 -12.67 0.08
N LYS B 68 -15.17 -11.70 0.09
CA LYS B 68 -15.56 -10.36 -0.30
C LYS B 68 -15.74 -10.24 -1.80
N TYR B 69 -14.95 -11.02 -2.55
CA TYR B 69 -14.86 -10.81 -4.00
C TYR B 69 -15.25 -11.98 -4.91
N LEU B 70 -15.11 -13.22 -4.46
CA LEU B 70 -15.23 -14.34 -5.40
C LEU B 70 -16.48 -15.19 -5.27
N LYS B 71 -17.08 -15.25 -4.09
CA LYS B 71 -18.17 -16.20 -3.84
C LYS B 71 -19.52 -15.69 -4.31
N GLY B 72 -20.45 -16.62 -4.54
CA GLY B 72 -21.81 -16.27 -4.94
C GLY B 72 -21.94 -15.76 -6.36
N LYS B 73 -23.04 -15.09 -6.63
CA LYS B 73 -23.32 -14.59 -7.98
C LYS B 73 -22.50 -13.33 -8.25
N VAL B 74 -21.36 -13.49 -8.89
CA VAL B 74 -20.47 -12.38 -9.14
C VAL B 74 -20.62 -11.88 -10.57
N VAL B 75 -21.48 -12.52 -11.34
CA VAL B 75 -21.73 -12.10 -12.71
C VAL B 75 -23.21 -11.80 -12.91
N THR B 76 -23.52 -10.62 -13.45
CA THR B 76 -24.89 -10.26 -13.83
C THR B 76 -24.87 -9.69 -15.25
N LYS B 77 -26.05 -9.59 -15.86
CA LYS B 77 -26.18 -8.99 -17.18
C LYS B 77 -25.58 -7.60 -17.20
N GLU B 78 -25.83 -6.83 -16.14
CA GLU B 78 -25.37 -5.46 -16.05
C GLU B 78 -23.84 -5.36 -15.96
N LYS B 79 -23.25 -6.26 -15.18
CA LYS B 79 -21.79 -6.25 -15.04
C LYS B 79 -21.13 -6.62 -16.36
N ILE B 80 -21.76 -7.52 -17.11
CA ILE B 80 -21.25 -7.88 -18.43
C ILE B 80 -21.30 -6.67 -19.37
N GLN B 81 -22.45 -5.99 -19.43
CA GLN B 81 -22.59 -4.82 -20.28
C GLN B 81 -21.62 -3.71 -19.88
N GLU B 82 -21.46 -3.51 -18.57
CA GLU B 82 -20.55 -2.50 -18.03
C GLU B 82 -19.11 -2.71 -18.52
N ALA B 83 -18.62 -3.94 -18.41
CA ALA B 83 -17.24 -4.25 -18.79
C ALA B 83 -17.04 -4.15 -20.30
N LYS B 84 -18.09 -4.49 -21.05
CA LYS B 84 -18.05 -4.38 -22.51
C LYS B 84 -17.76 -2.92 -22.90
N ASP B 85 -18.57 -2.01 -22.37
CA ASP B 85 -18.45 -0.60 -22.68
C ASP B 85 -17.09 -0.03 -22.25
N VAL B 86 -16.60 -0.47 -21.10
CA VAL B 86 -15.31 0.02 -20.60
C VAL B 86 -14.15 -0.45 -21.46
N TYR B 87 -14.10 -1.74 -21.74
CA TYR B 87 -12.99 -2.30 -22.51
C TYR B 87 -12.96 -1.81 -23.96
N LYS B 88 -14.13 -1.52 -24.53
CA LYS B 88 -14.20 -1.00 -25.89
C LYS B 88 -13.41 0.31 -26.03
N GLU B 89 -13.56 1.20 -25.07
CA GLU B 89 -12.81 2.45 -25.07
C GLU B 89 -11.36 2.24 -24.63
N HIS B 90 -11.15 1.31 -23.72
CA HIS B 90 -9.83 1.09 -23.13
C HIS B 90 -8.82 0.53 -24.13
N PHE B 91 -9.28 -0.41 -24.97
CA PHE B 91 -8.42 -0.99 -26.00
C PHE B 91 -8.61 -0.30 -27.34
N GLN B 92 -9.61 0.57 -27.41
CA GLN B 92 -10.04 1.17 -28.68
C GLN B 92 -10.40 0.06 -29.66
N ASP B 93 -11.08 -0.96 -29.14
CA ASP B 93 -11.37 -2.17 -29.92
C ASP B 93 -12.34 -3.05 -29.15
N ASP B 94 -13.10 -3.87 -29.88
CA ASP B 94 -13.99 -4.84 -29.26
C ASP B 94 -13.26 -6.16 -29.08
N VAL B 95 -12.79 -6.44 -27.86
CA VAL B 95 -11.98 -7.62 -27.61
C VAL B 95 -12.47 -8.41 -26.39
N PHE B 96 -13.41 -7.83 -25.64
CA PHE B 96 -13.96 -8.47 -24.44
C PHE B 96 -14.69 -9.80 -24.74
N ASN B 97 -14.38 -10.84 -23.95
CA ASN B 97 -15.03 -12.14 -24.12
C ASN B 97 -16.45 -12.17 -23.54
N GLU B 98 -17.37 -11.49 -24.22
CA GLU B 98 -18.76 -11.42 -23.75
C GLU B 98 -19.43 -12.79 -23.64
N LYS B 99 -19.15 -13.67 -24.59
CA LYS B 99 -19.76 -15.00 -24.65
C LYS B 99 -19.35 -15.89 -23.48
N GLY B 100 -18.07 -15.81 -23.11
CA GLY B 100 -17.57 -16.59 -21.99
C GLY B 100 -18.26 -16.23 -20.70
N TRP B 101 -18.35 -14.93 -20.42
CA TRP B 101 -18.99 -14.46 -19.19
C TRP B 101 -20.48 -14.73 -19.16
N ASN B 102 -21.12 -14.65 -20.33
CA ASN B 102 -22.53 -15.03 -20.45
C ASN B 102 -22.78 -16.51 -20.19
N TYR B 103 -21.82 -17.35 -20.58
CA TYR B 103 -21.91 -18.77 -20.32
C TYR B 103 -21.97 -19.04 -18.81
N ILE B 104 -21.10 -18.38 -18.05
CA ILE B 104 -21.09 -18.50 -16.60
C ILE B 104 -22.38 -17.96 -16.01
N LEU B 105 -22.84 -16.83 -16.55
CA LEU B 105 -24.12 -16.29 -16.11
C LEU B 105 -25.24 -17.31 -16.31
N GLU B 106 -25.36 -17.80 -17.52
CA GLU B 106 -26.49 -18.67 -17.88
C GLU B 106 -26.40 -20.07 -17.27
N LYS B 107 -25.21 -20.64 -17.26
CA LYS B 107 -25.02 -22.02 -16.81
C LYS B 107 -24.95 -22.17 -15.28
N TYR B 108 -24.28 -21.24 -14.61
CA TYR B 108 -23.97 -21.40 -13.20
C TYR B 108 -24.54 -20.28 -12.34
N ASP B 109 -25.54 -19.59 -12.88
CA ASP B 109 -26.14 -18.42 -12.24
C ASP B 109 -25.09 -17.46 -11.70
N GLY B 110 -24.09 -17.17 -12.53
CA GLY B 110 -23.06 -16.21 -12.17
C GLY B 110 -22.03 -16.67 -11.16
N HIS B 111 -22.09 -17.95 -10.78
CA HIS B 111 -21.12 -18.50 -9.82
C HIS B 111 -19.89 -18.99 -10.58
N LEU B 112 -18.70 -18.72 -10.06
CA LEU B 112 -17.46 -19.09 -10.76
C LEU B 112 -17.13 -20.59 -10.72
N PRO B 113 -17.07 -21.23 -11.89
CA PRO B 113 -16.70 -22.65 -11.96
C PRO B 113 -15.19 -22.84 -11.80
N ILE B 114 -14.74 -22.70 -10.56
CA ILE B 114 -13.33 -22.67 -10.21
C ILE B 114 -13.18 -23.49 -8.93
N GLU B 115 -12.08 -24.24 -8.81
CA GLU B 115 -11.76 -24.88 -7.54
C GLU B 115 -10.41 -24.39 -7.03
N ILE B 116 -10.39 -24.02 -5.76
CA ILE B 116 -9.18 -23.52 -5.15
C ILE B 116 -8.85 -24.40 -3.93
N LYS B 117 -7.62 -24.90 -3.88
CA LYS B 117 -7.13 -25.65 -2.73
C LYS B 117 -6.05 -24.83 -2.05
N ALA B 118 -5.99 -24.88 -0.72
CA ALA B 118 -5.06 -24.02 0.00
C ALA B 118 -4.57 -24.62 1.31
N VAL B 119 -3.37 -24.23 1.75
CA VAL B 119 -2.89 -24.59 3.09
C VAL B 119 -3.75 -23.86 4.11
N PRO B 120 -3.93 -24.44 5.31
CA PRO B 120 -4.76 -23.75 6.30
C PRO B 120 -4.20 -22.37 6.68
N GLU B 121 -5.08 -21.41 6.90
CA GLU B 121 -4.64 -20.06 7.26
C GLU B 121 -3.99 -20.05 8.64
N GLY B 122 -2.95 -19.24 8.77
CA GLY B 122 -2.14 -19.23 9.99
C GLY B 122 -0.94 -20.14 9.89
N PHE B 123 -0.98 -21.09 8.95
CA PHE B 123 0.12 -22.06 8.79
C PHE B 123 1.44 -21.36 8.48
N VAL B 124 2.50 -21.85 9.12
CA VAL B 124 3.84 -21.33 8.89
C VAL B 124 4.59 -22.33 8.00
N ILE B 125 4.95 -21.91 6.80
CA ILE B 125 5.47 -22.83 5.77
C ILE B 125 6.73 -22.25 5.19
N PRO B 126 7.77 -23.06 5.01
CA PRO B 126 9.00 -22.57 4.39
C PRO B 126 8.78 -22.08 2.96
N ARG B 127 9.64 -21.15 2.53
CA ARG B 127 9.60 -20.64 1.16
C ARG B 127 9.62 -21.77 0.13
N GLY B 128 9.00 -21.52 -1.02
CA GLY B 128 9.14 -22.39 -2.17
C GLY B 128 8.18 -23.56 -2.13
N ASN B 129 7.13 -23.44 -1.32
CA ASN B 129 6.10 -24.48 -1.25
C ASN B 129 4.80 -23.98 -1.85
N VAL B 130 4.02 -24.91 -2.42
CA VAL B 130 2.71 -24.55 -2.92
C VAL B 130 1.84 -24.10 -1.76
N LEU B 131 1.22 -22.93 -1.89
CA LEU B 131 0.35 -22.41 -0.83
C LEU B 131 -1.13 -22.51 -1.23
N PHE B 132 -1.42 -22.23 -2.49
CA PHE B 132 -2.75 -22.51 -3.04
C PHE B 132 -2.72 -22.82 -4.53
N THR B 133 -3.70 -23.59 -5.00
CA THR B 133 -3.82 -23.90 -6.43
C THR B 133 -5.20 -23.47 -6.94
N VAL B 134 -5.29 -23.21 -8.24
CA VAL B 134 -6.52 -22.76 -8.88
C VAL B 134 -6.70 -23.51 -10.19
N GLU B 135 -7.91 -23.98 -10.45
CA GLU B 135 -8.23 -24.60 -11.74
C GLU B 135 -9.70 -24.45 -12.09
N ASN B 136 -10.01 -24.43 -13.38
CA ASN B 136 -11.39 -24.36 -13.80
C ASN B 136 -12.07 -25.72 -13.65
N THR B 137 -13.34 -25.73 -13.27
CA THR B 137 -14.08 -26.99 -13.14
C THR B 137 -14.98 -27.24 -14.36
N ASP B 138 -15.01 -26.28 -15.29
CA ASP B 138 -15.74 -26.45 -16.53
C ASP B 138 -14.77 -26.20 -17.69
N PRO B 139 -14.75 -27.11 -18.68
CA PRO B 139 -13.86 -26.99 -19.84
C PRO B 139 -14.01 -25.66 -20.59
N GLU B 140 -15.24 -25.14 -20.64
CA GLU B 140 -15.49 -23.86 -21.31
C GLU B 140 -14.78 -22.72 -20.61
N CYS B 141 -14.48 -22.88 -19.32
CA CYS B 141 -13.96 -21.77 -18.54
C CYS B 141 -12.47 -21.90 -18.25
N TYR B 142 -11.73 -22.47 -19.20
CA TYR B 142 -10.28 -22.63 -19.11
C TYR B 142 -9.58 -21.29 -18.89
N TRP B 143 -10.15 -20.23 -19.47
CA TRP B 143 -9.59 -18.88 -19.41
C TRP B 143 -9.77 -18.23 -18.03
N LEU B 144 -10.67 -18.80 -17.23
CA LEU B 144 -11.07 -18.16 -15.97
C LEU B 144 -9.96 -18.25 -14.92
N THR B 145 -9.18 -19.34 -14.96
CA THR B 145 -8.13 -19.58 -13.98
C THR B 145 -7.17 -18.40 -13.86
N ASN B 146 -6.65 -17.92 -14.98
CA ASN B 146 -5.71 -16.80 -14.90
C ASN B 146 -6.35 -15.41 -14.97
N TRP B 147 -7.64 -15.34 -15.31
CA TRP B 147 -8.37 -14.08 -15.17
C TRP B 147 -8.27 -13.58 -13.74
N ILE B 148 -8.43 -14.49 -12.79
CA ILE B 148 -8.48 -14.11 -11.38
C ILE B 148 -7.13 -14.16 -10.69
N GLU B 149 -6.06 -14.30 -11.48
CA GLU B 149 -4.73 -14.20 -10.90
C GLU B 149 -4.58 -12.88 -10.13
N THR B 150 -4.98 -11.78 -10.77
CA THR B 150 -4.67 -10.46 -10.24
C THR B 150 -5.27 -10.30 -8.85
N ILE B 151 -6.55 -10.67 -8.70
CA ILE B 151 -7.21 -10.53 -7.41
C ILE B 151 -6.61 -11.47 -6.35
N LEU B 152 -6.26 -12.68 -6.75
CA LEU B 152 -5.74 -13.67 -5.81
C LEU B 152 -4.32 -13.33 -5.41
N VAL B 153 -3.58 -12.74 -6.32
CA VAL B 153 -2.19 -12.39 -6.03
C VAL B 153 -2.06 -11.30 -4.98
N GLN B 154 -3.11 -10.48 -4.84
CA GLN B 154 -3.11 -9.48 -3.78
C GLN B 154 -3.03 -10.09 -2.38
N SER B 155 -3.14 -11.41 -2.29
CA SER B 155 -2.95 -12.10 -1.02
C SER B 155 -1.50 -11.94 -0.53
N TRP B 156 -0.59 -11.58 -1.44
CA TRP B 156 0.78 -11.25 -1.02
C TRP B 156 0.78 -10.28 0.16
N TYR B 157 -0.16 -9.35 0.18
CA TYR B 157 -0.13 -8.30 1.18
C TYR B 157 -0.40 -8.79 2.60
N PRO B 158 -1.58 -9.41 2.85
CA PRO B 158 -1.74 -9.97 4.20
C PRO B 158 -0.70 -11.04 4.54
N ILE B 159 -0.25 -11.83 3.57
CA ILE B 159 0.79 -12.84 3.87
C ILE B 159 2.06 -12.15 4.38
N THR B 160 2.48 -11.11 3.66
CA THR B 160 3.73 -10.43 3.97
C THR B 160 3.66 -9.62 5.28
N VAL B 161 2.56 -8.92 5.51
CA VAL B 161 2.41 -8.20 6.79
C VAL B 161 2.49 -9.20 7.96
N ALA B 162 1.75 -10.29 7.84
CA ALA B 162 1.66 -11.27 8.91
C ALA B 162 3.02 -11.89 9.16
N THR B 163 3.72 -12.21 8.08
CA THR B 163 5.05 -12.79 8.17
C THR B 163 6.06 -11.83 8.80
N ASN B 164 6.11 -10.59 8.30
CA ASN B 164 7.03 -9.60 8.84
C ASN B 164 6.70 -9.25 10.29
N SER B 165 5.41 -9.20 10.62
CA SER B 165 4.98 -8.97 12.00
C SER B 165 5.47 -10.10 12.90
N ARG B 166 5.34 -11.34 12.44
CA ARG B 166 5.78 -12.50 13.22
C ARG B 166 7.31 -12.53 13.41
N GLU B 167 8.05 -12.13 12.38
CA GLU B 167 9.51 -12.08 12.50
C GLU B 167 9.94 -11.08 13.57
N GLN B 168 9.17 -10.00 13.73
CA GLN B 168 9.47 -9.04 14.80
C GLN B 168 9.11 -9.61 16.17
N LYS B 169 8.01 -10.35 16.24
CA LYS B 169 7.64 -11.05 17.47
C LYS B 169 8.75 -12.01 17.91
N LYS B 170 9.43 -12.62 16.94
CA LYS B 170 10.51 -13.57 17.24
C LYS B 170 11.64 -12.85 17.95
N ILE B 171 11.98 -11.68 17.43
CA ILE B 171 13.02 -10.84 18.02
C ILE B 171 12.63 -10.39 19.42
N LEU B 172 11.40 -9.92 19.57
CA LEU B 172 10.96 -9.43 20.86
C LEU B 172 10.94 -10.56 21.88
N ALA B 173 10.47 -11.73 21.45
CA ALA B 173 10.40 -12.88 22.35
C ALA B 173 11.78 -13.28 22.88
N LYS B 174 12.75 -13.38 21.98
CA LYS B 174 14.11 -13.72 22.37
C LYS B 174 14.64 -12.78 23.46
N TYR B 175 14.54 -11.48 23.23
CA TYR B 175 15.11 -10.50 24.15
C TYR B 175 14.29 -10.35 25.43
N LEU B 176 12.97 -10.46 25.32
CA LEU B 176 12.13 -10.42 26.51
C LEU B 176 12.42 -11.63 27.41
N LEU B 177 12.54 -12.81 26.81
CA LEU B 177 12.80 -14.03 27.56
C LEU B 177 14.16 -13.92 28.22
N GLU B 178 15.14 -13.42 27.48
CA GLU B 178 16.49 -13.31 28.01
C GLU B 178 16.59 -12.31 29.16
N THR B 179 15.96 -11.16 29.02
CA THR B 179 16.10 -10.11 30.05
C THR B 179 15.15 -10.23 31.23
N SER B 180 14.09 -11.03 31.09
CA SER B 180 13.04 -11.08 32.12
C SER B 180 12.75 -12.50 32.62
N GLY B 181 13.09 -13.50 31.83
CA GLY B 181 12.85 -14.89 32.20
C GLY B 181 11.47 -15.41 31.82
N ASN B 182 10.68 -14.56 31.17
CA ASN B 182 9.37 -14.99 30.70
C ASN B 182 8.94 -14.22 29.44
N LEU B 183 7.72 -14.49 28.99
CA LEU B 183 7.16 -13.84 27.81
C LEU B 183 5.93 -13.01 28.13
N ASP B 184 5.72 -12.74 29.41
CA ASP B 184 4.58 -11.91 29.83
C ASP B 184 4.55 -10.57 29.07
N GLY B 185 3.40 -10.31 28.45
CA GLY B 185 3.19 -9.04 27.78
C GLY B 185 3.73 -8.99 26.37
N LEU B 186 4.26 -10.11 25.87
CA LEU B 186 4.82 -10.14 24.51
C LEU B 186 3.80 -9.68 23.46
N GLU B 187 2.56 -10.15 23.61
CA GLU B 187 1.53 -9.88 22.60
C GLU B 187 1.16 -8.39 22.50
N TYR B 188 1.69 -7.56 23.40
CA TYR B 188 1.41 -6.13 23.37
C TYR B 188 2.65 -5.28 23.06
N LYS B 189 3.75 -5.95 22.70
CA LYS B 189 5.04 -5.28 22.56
C LYS B 189 5.24 -4.57 21.22
N LEU B 190 4.40 -4.88 20.24
CA LEU B 190 4.47 -4.21 18.94
C LEU B 190 3.08 -3.77 18.53
N HIS B 191 2.85 -2.46 18.59
CA HIS B 191 1.52 -1.88 18.40
C HIS B 191 1.43 -1.28 17.00
N ASP B 192 0.28 -1.48 16.34
CA ASP B 192 0.08 -0.96 14.96
C ASP B 192 -0.40 0.50 14.95
N PHE B 193 0.45 1.41 14.47
CA PHE B 193 0.12 2.82 14.29
C PHE B 193 0.05 3.20 12.80
N GLY B 194 -0.23 2.23 11.94
CA GLY B 194 -0.12 2.44 10.50
C GLY B 194 -1.29 3.02 9.74
N TYR B 195 -2.37 3.35 10.43
CA TYR B 195 -3.61 3.78 9.76
C TYR B 195 -3.35 4.93 8.76
N ARG B 196 -2.64 5.96 9.20
CA ARG B 196 -2.41 7.12 8.34
C ARG B 196 -1.33 6.85 7.29
N GLY B 197 -0.49 5.85 7.55
CA GLY B 197 0.66 5.58 6.71
C GLY B 197 0.45 4.57 5.60
N VAL B 198 -0.75 4.02 5.49
CA VAL B 198 -1.04 3.10 4.41
C VAL B 198 -1.73 3.81 3.26
N SER B 199 -1.86 3.10 2.15
CA SER B 199 -2.29 3.70 0.89
C SER B 199 -3.80 3.85 0.74
N SER B 200 -4.58 3.18 1.59
CA SER B 200 -6.03 3.34 1.56
C SER B 200 -6.72 2.78 2.80
N GLN B 201 -8.00 3.09 2.92
CA GLN B 201 -8.85 2.53 3.96
C GLN B 201 -8.89 1.01 3.89
N GLU B 202 -9.01 0.45 2.68
CA GLU B 202 -9.12 -1.00 2.56
C GLU B 202 -7.84 -1.68 3.01
N THR B 203 -6.70 -1.14 2.55
CA THR B 203 -5.40 -1.63 2.96
C THR B 203 -5.22 -1.54 4.48
N ALA B 204 -5.74 -0.48 5.09
CA ALA B 204 -5.64 -0.31 6.54
C ALA B 204 -6.26 -1.50 7.28
N GLY B 205 -7.47 -1.88 6.88
CA GLY B 205 -8.17 -2.98 7.51
C GLY B 205 -7.47 -4.30 7.32
N ILE B 206 -7.08 -4.60 6.07
CA ILE B 206 -6.36 -5.82 5.77
C ILE B 206 -5.05 -5.98 6.54
N GLY B 207 -4.21 -4.95 6.51
CA GLY B 207 -2.90 -5.02 7.13
C GLY B 207 -2.99 -5.09 8.65
N ALA B 208 -3.91 -4.33 9.22
CA ALA B 208 -4.12 -4.36 10.66
C ALA B 208 -4.54 -5.76 11.09
N SER B 209 -5.43 -6.38 10.31
CA SER B 209 -5.88 -7.72 10.64
C SER B 209 -4.70 -8.69 10.57
N ALA B 210 -3.80 -8.47 9.61
CA ALA B 210 -2.66 -9.37 9.46
C ALA B 210 -1.69 -9.23 10.62
N HIS B 211 -1.50 -8.01 11.10
CA HIS B 211 -0.68 -7.76 12.27
C HIS B 211 -1.28 -8.47 13.50
N LEU B 212 -2.60 -8.45 13.59
CA LEU B 212 -3.30 -9.05 14.72
C LEU B 212 -3.21 -10.57 14.77
N VAL B 213 -2.68 -11.18 13.72
CA VAL B 213 -2.39 -12.61 13.74
C VAL B 213 -1.36 -12.89 14.84
N ASN B 214 -0.49 -11.91 15.08
CA ASN B 214 0.63 -12.07 16.00
C ASN B 214 0.54 -11.27 17.31
N PHE B 215 -0.13 -10.13 17.25
CA PHE B 215 -0.17 -9.22 18.39
C PHE B 215 -1.62 -8.81 18.68
N LYS B 216 -1.85 -8.15 19.81
CA LYS B 216 -3.20 -7.71 20.15
C LYS B 216 -3.38 -6.20 20.13
N GLY B 217 -2.31 -5.46 19.85
CA GLY B 217 -2.36 -4.00 19.92
C GLY B 217 -2.47 -3.32 18.56
N THR B 218 -3.55 -2.55 18.37
CA THR B 218 -3.72 -1.78 17.13
C THR B 218 -4.53 -0.50 17.38
N ASP B 219 -4.16 0.57 16.69
CA ASP B 219 -4.97 1.80 16.69
C ASP B 219 -5.70 1.93 15.37
N THR B 220 -5.47 0.96 14.49
CA THR B 220 -6.16 0.94 13.22
C THR B 220 -7.45 0.15 13.39
N VAL B 221 -8.50 0.89 13.73
CA VAL B 221 -9.81 0.35 14.05
C VAL B 221 -10.42 -0.60 13.00
N ALA B 222 -10.18 -0.28 11.72
CA ALA B 222 -10.76 -1.04 10.61
C ALA B 222 -10.42 -2.53 10.66
N GLY B 223 -9.31 -2.88 11.29
CA GLY B 223 -8.89 -4.26 11.41
C GLY B 223 -9.89 -5.11 12.18
N LEU B 224 -10.48 -4.52 13.20
CA LEU B 224 -11.39 -5.27 14.06
C LEU B 224 -12.61 -5.75 13.27
N ALA B 225 -13.21 -4.86 12.48
CA ALA B 225 -14.43 -5.16 11.74
C ALA B 225 -14.19 -6.22 10.66
N LEU B 226 -13.04 -6.14 10.01
CA LEU B 226 -12.66 -7.12 8.99
C LEU B 226 -12.60 -8.52 9.59
N ILE B 227 -11.90 -8.63 10.71
CA ILE B 227 -11.77 -9.90 11.40
C ILE B 227 -13.14 -10.42 11.84
N LYS B 228 -13.97 -9.53 12.38
CA LYS B 228 -15.29 -9.95 12.85
C LYS B 228 -16.15 -10.46 11.70
N LYS B 229 -16.13 -9.75 10.57
CA LYS B 229 -16.93 -10.10 9.41
C LYS B 229 -16.45 -11.37 8.70
N TYR B 230 -15.14 -11.53 8.57
CA TYR B 230 -14.60 -12.58 7.70
C TYR B 230 -13.97 -13.79 8.39
N TYR B 231 -13.62 -13.65 9.65
CA TYR B 231 -12.90 -14.72 10.35
C TYR B 231 -13.57 -15.12 11.66
N GLY B 232 -13.70 -14.15 12.56
CA GLY B 232 -14.39 -14.36 13.84
C GLY B 232 -13.47 -14.69 14.99
N THR B 233 -13.76 -14.14 16.16
CA THR B 233 -13.03 -14.43 17.38
C THR B 233 -14.00 -14.73 18.53
N LYS B 234 -13.56 -15.55 19.46
CA LYS B 234 -14.34 -15.80 20.68
C LYS B 234 -14.54 -14.49 21.46
N ASP B 235 -13.45 -13.76 21.68
CA ASP B 235 -13.53 -12.46 22.33
C ASP B 235 -14.28 -11.44 21.47
N PRO B 236 -14.93 -10.45 22.11
CA PRO B 236 -15.66 -9.38 21.42
C PRO B 236 -14.81 -8.63 20.37
N VAL B 237 -13.55 -8.36 20.69
CA VAL B 237 -12.63 -7.74 19.73
C VAL B 237 -11.27 -8.44 19.75
N PRO B 238 -10.58 -8.45 18.60
CA PRO B 238 -9.27 -9.09 18.53
C PRO B 238 -8.13 -8.13 18.91
N GLY B 239 -8.41 -6.84 18.98
CA GLY B 239 -7.37 -5.85 19.22
C GLY B 239 -7.75 -4.79 20.25
N TYR B 240 -6.74 -4.19 20.88
CA TYR B 240 -6.98 -3.24 21.96
C TYR B 240 -6.08 -2.02 21.83
N SER B 241 -6.51 -0.92 22.44
CA SER B 241 -5.69 0.31 22.52
C SER B 241 -5.82 0.95 23.90
N VAL B 242 -5.09 2.04 24.13
CA VAL B 242 -5.16 2.77 25.41
C VAL B 242 -5.15 4.27 25.13
N PRO B 243 -5.66 5.08 26.06
CA PRO B 243 -5.67 6.52 25.81
C PRO B 243 -4.25 7.05 25.62
N ALA B 244 -4.10 7.97 24.69
CA ALA B 244 -2.77 8.51 24.43
C ALA B 244 -2.85 9.91 23.85
N ALA B 245 -1.82 10.71 24.12
CA ALA B 245 -1.73 12.06 23.57
C ALA B 245 -1.12 12.03 22.17
N GLU B 246 -1.30 13.11 21.43
CA GLU B 246 -0.54 13.32 20.19
C GLU B 246 0.07 14.70 20.34
N HIS B 247 0.86 15.14 19.37
CA HIS B 247 1.48 16.45 19.52
C HIS B 247 0.46 17.59 19.66
N SER B 248 -0.63 17.53 18.91
CA SER B 248 -1.66 18.58 19.04
C SER B 248 -2.26 18.76 20.43
N THR B 249 -2.40 17.68 21.20
CA THR B 249 -2.98 17.83 22.55
C THR B 249 -1.97 18.29 23.60
N ILE B 250 -0.68 18.26 23.24
CA ILE B 250 0.33 18.87 24.07
C ILE B 250 0.58 20.31 23.63
N THR B 251 0.84 20.51 22.34
CA THR B 251 1.23 21.84 21.86
C THR B 251 0.13 22.89 21.90
N ALA B 252 -1.14 22.45 21.84
CA ALA B 252 -2.28 23.38 21.90
C ALA B 252 -2.32 24.22 23.19
N TRP B 253 -1.66 23.73 24.25
CA TRP B 253 -1.59 24.45 25.53
C TRP B 253 -0.61 25.62 25.47
N GLY B 254 0.20 25.67 24.42
CA GLY B 254 1.18 26.73 24.29
C GLY B 254 2.55 26.26 24.76
N LYS B 255 3.60 26.79 24.13
CA LYS B 255 4.98 26.37 24.39
C LYS B 255 5.43 26.45 25.85
N ASP B 256 4.84 27.39 26.60
CA ASP B 256 5.22 27.55 28.00
C ASP B 256 4.38 26.72 28.93
N HIS B 257 3.49 25.90 28.39
CA HIS B 257 2.56 25.16 29.25
C HIS B 257 2.54 23.67 29.01
N GLU B 258 3.70 23.11 28.65
CA GLU B 258 3.81 21.68 28.46
C GLU B 258 3.50 20.89 29.75
N LYS B 259 4.00 21.40 30.88
CA LYS B 259 3.69 20.81 32.18
C LYS B 259 2.18 20.78 32.46
N ASP B 260 1.48 21.87 32.13
CA ASP B 260 0.04 21.94 32.38
C ASP B 260 -0.71 20.91 31.55
N ALA B 261 -0.24 20.70 30.32
CA ALA B 261 -0.82 19.69 29.46
C ALA B 261 -0.61 18.30 30.05
N PHE B 262 0.63 17.99 30.42
CA PHE B 262 0.95 16.70 31.03
C PHE B 262 0.08 16.45 32.26
N GLU B 263 -0.03 17.45 33.13
CA GLU B 263 -0.79 17.31 34.38
C GLU B 263 -2.28 17.04 34.09
N HIS B 264 -2.83 17.78 33.13
CA HIS B 264 -4.24 17.62 32.77
C HIS B 264 -4.51 16.22 32.23
N ILE B 265 -3.68 15.79 31.29
CA ILE B 265 -3.87 14.49 30.66
C ILE B 265 -3.72 13.32 31.63
N VAL B 266 -2.71 13.33 32.49
CA VAL B 266 -2.55 12.19 33.42
C VAL B 266 -3.60 12.23 34.53
N THR B 267 -4.17 13.40 34.78
CA THR B 267 -5.24 13.52 35.76
C THR B 267 -6.58 13.07 35.17
N GLN B 268 -6.82 13.40 33.91
CA GLN B 268 -8.00 12.91 33.20
C GLN B 268 -7.98 11.37 33.08
N PHE B 269 -6.81 10.80 32.84
CA PHE B 269 -6.69 9.36 32.72
C PHE B 269 -5.87 8.79 33.89
N SER B 270 -6.37 9.02 35.10
CA SER B 270 -5.62 8.69 36.31
C SER B 270 -5.67 7.20 36.68
N SER B 271 -6.66 6.47 36.20
CA SER B 271 -6.81 5.07 36.59
C SER B 271 -6.79 4.08 35.44
N VAL B 272 -6.39 4.52 34.25
CA VAL B 272 -6.16 3.64 33.12
C VAL B 272 -4.74 3.94 32.61
N PRO B 273 -4.13 3.03 31.85
CA PRO B 273 -2.80 3.37 31.32
C PRO B 273 -2.92 4.59 30.43
N VAL B 274 -1.90 5.46 30.43
CA VAL B 274 -1.94 6.61 29.53
C VAL B 274 -0.58 6.89 28.90
N SER B 275 -0.58 7.02 27.58
CA SER B 275 0.64 7.31 26.85
C SER B 275 0.73 8.80 26.56
N VAL B 276 1.87 9.41 26.84
CA VAL B 276 2.00 10.85 26.69
C VAL B 276 3.26 11.19 25.92
N VAL B 277 3.07 11.63 24.68
CA VAL B 277 4.19 12.02 23.84
C VAL B 277 4.95 13.18 24.52
N SER B 278 6.26 13.01 24.63
CA SER B 278 7.04 13.88 25.50
C SER B 278 8.18 14.65 24.80
N ASP B 279 8.21 14.63 23.47
CA ASP B 279 9.29 15.26 22.71
C ASP B 279 8.89 16.54 21.94
N SER B 280 7.72 17.11 22.25
CA SER B 280 7.26 18.32 21.54
C SER B 280 8.32 19.42 21.45
N TYR B 281 9.11 19.58 22.51
CA TYR B 281 10.13 20.63 22.56
C TYR B 281 11.48 20.08 23.00
N ASP B 282 11.48 19.32 24.10
CA ASP B 282 12.73 18.75 24.61
C ASP B 282 12.43 17.52 25.43
N ILE B 283 12.51 16.37 24.77
CA ILE B 283 12.27 15.06 25.40
C ILE B 283 13.07 14.86 26.69
N TYR B 284 14.31 15.32 26.72
CA TYR B 284 15.17 15.04 27.86
C TYR B 284 14.81 15.90 29.07
N ASN B 285 14.44 17.15 28.79
CA ASN B 285 13.89 18.02 29.81
C ASN B 285 12.57 17.48 30.34
N ALA B 286 11.71 17.06 29.40
CA ALA B 286 10.41 16.54 29.79
C ALA B 286 10.55 15.39 30.75
N CYS B 287 11.48 14.47 30.47
CA CYS B 287 11.66 13.31 31.33
C CYS B 287 12.28 13.65 32.68
N GLU B 288 13.33 14.46 32.65
CA GLU B 288 14.07 14.73 33.88
C GLU B 288 13.40 15.75 34.78
N LYS B 289 12.89 16.83 34.20
CA LYS B 289 12.35 17.95 34.99
C LYS B 289 10.84 17.93 35.15
N ILE B 290 10.11 17.70 34.06
CA ILE B 290 8.66 17.73 34.16
C ILE B 290 8.11 16.47 34.82
N TRP B 291 8.40 15.32 34.22
CA TRP B 291 7.94 14.06 34.79
C TRP B 291 8.73 13.69 36.03
N GLY B 292 10.04 13.92 35.99
CA GLY B 292 10.91 13.42 37.02
C GLY B 292 11.01 14.29 38.25
N GLU B 293 10.49 15.51 38.15
CA GLU B 293 10.55 16.45 39.26
C GLU B 293 9.20 17.15 39.51
N ASP B 294 8.73 17.92 38.54
CA ASP B 294 7.53 18.75 38.73
C ASP B 294 6.25 17.95 38.94
N LEU B 295 6.10 16.85 38.21
CA LEU B 295 4.87 16.06 38.25
C LEU B 295 5.09 14.67 38.84
N ARG B 296 6.27 14.45 39.41
CA ARG B 296 6.66 13.13 39.92
C ARG B 296 5.64 12.56 40.89
N HIS B 297 5.11 13.43 41.75
CA HIS B 297 4.09 13.03 42.74
C HIS B 297 2.82 12.47 42.10
N LEU B 298 2.55 12.85 40.86
CA LEU B 298 1.37 12.37 40.15
C LEU B 298 1.63 11.04 39.45
N ILE B 299 2.89 10.66 39.35
CA ILE B 299 3.29 9.44 38.67
C ILE B 299 3.49 8.28 39.66
N VAL B 300 4.21 8.53 40.75
CA VAL B 300 4.48 7.46 41.71
C VAL B 300 3.22 6.99 42.46
N SER B 301 2.13 7.70 42.29
CA SER B 301 0.87 7.35 42.96
C SER B 301 0.02 6.42 42.13
N ARG B 302 0.40 6.24 40.87
CA ARG B 302 -0.40 5.45 39.94
C ARG B 302 -0.34 3.93 40.14
N SER B 303 -1.40 3.26 39.71
CA SER B 303 -1.54 1.81 39.83
C SER B 303 -0.70 1.08 38.78
N THR B 304 -0.29 -0.14 39.14
CA THR B 304 0.43 -1.03 38.23
C THR B 304 -0.41 -1.32 36.98
N GLN B 305 -1.73 -1.26 37.14
CA GLN B 305 -2.65 -1.47 36.03
C GLN B 305 -2.86 -0.19 35.23
N ALA B 306 -2.31 0.92 35.71
CA ALA B 306 -2.49 2.20 35.02
C ALA B 306 -1.20 3.04 34.92
N PRO B 307 -0.15 2.47 34.34
CA PRO B 307 1.11 3.21 34.30
C PRO B 307 1.04 4.45 33.41
N LEU B 308 1.91 5.43 33.67
CA LEU B 308 2.25 6.42 32.66
C LEU B 308 3.20 5.76 31.67
N ILE B 309 2.92 5.94 30.39
CA ILE B 309 3.82 5.41 29.38
C ILE B 309 4.39 6.61 28.63
N ILE B 310 5.68 6.88 28.83
CA ILE B 310 6.31 8.03 28.22
C ILE B 310 6.68 7.68 26.79
N ARG B 311 6.36 8.57 25.85
CA ARG B 311 6.57 8.30 24.45
C ARG B 311 7.51 9.31 23.82
N PRO B 312 8.77 8.92 23.58
CA PRO B 312 9.64 9.75 22.75
C PRO B 312 9.20 9.54 21.30
N ASP B 313 9.56 10.45 20.41
CA ASP B 313 9.10 10.36 19.00
C ASP B 313 10.07 11.01 18.00
N SER B 314 11.31 11.19 18.39
CA SER B 314 12.28 11.84 17.50
C SER B 314 13.69 11.58 17.97
N GLY B 315 14.65 11.84 17.07
CA GLY B 315 16.05 11.53 17.35
C GLY B 315 16.39 10.12 16.94
N ASN B 316 17.67 9.78 17.04
CA ASN B 316 18.09 8.41 16.78
C ASN B 316 17.36 7.49 17.74
N PRO B 317 16.57 6.54 17.22
CA PRO B 317 15.73 5.70 18.08
C PRO B 317 16.49 4.99 19.21
N LEU B 318 17.60 4.33 18.91
CA LEU B 318 18.34 3.66 19.97
C LEU B 318 18.91 4.62 21.00
N ASP B 319 19.64 5.64 20.55
CA ASP B 319 20.24 6.60 21.49
C ASP B 319 19.17 7.29 22.32
N THR B 320 18.02 7.56 21.71
CA THR B 320 16.97 8.27 22.43
C THR B 320 16.35 7.40 23.52
N VAL B 321 16.07 6.14 23.20
CA VAL B 321 15.58 5.18 24.20
C VAL B 321 16.55 5.01 25.37
N LEU B 322 17.83 4.80 25.07
CA LEU B 322 18.83 4.62 26.12
C LEU B 322 18.93 5.81 27.07
N LYS B 323 18.92 7.02 26.53
CA LYS B 323 19.02 8.24 27.33
C LYS B 323 17.74 8.49 28.14
N VAL B 324 16.58 8.25 27.51
CA VAL B 324 15.31 8.37 28.23
C VAL B 324 15.31 7.42 29.44
N LEU B 325 15.75 6.18 29.23
CA LEU B 325 15.84 5.20 30.33
C LEU B 325 16.85 5.61 31.43
N GLU B 326 18.03 6.10 31.03
CA GLU B 326 19.01 6.58 32.01
C GLU B 326 18.47 7.75 32.83
N ILE B 327 17.80 8.67 32.17
CA ILE B 327 17.16 9.77 32.87
C ILE B 327 16.15 9.26 33.89
N LEU B 328 15.23 8.41 33.44
CA LEU B 328 14.17 7.92 34.33
C LEU B 328 14.74 7.09 35.45
N GLY B 329 15.81 6.36 35.15
CA GLY B 329 16.43 5.51 36.15
C GLY B 329 17.00 6.29 37.32
N LYS B 330 17.35 7.55 37.09
CA LYS B 330 17.90 8.39 38.14
C LYS B 330 16.84 9.20 38.88
N LYS B 331 15.64 9.31 38.30
CA LYS B 331 14.56 10.06 38.94
C LYS B 331 13.52 9.17 39.65
N PHE B 332 13.50 7.89 39.29
CA PHE B 332 12.52 6.96 39.83
C PHE B 332 13.21 5.72 40.42
N PRO B 333 12.54 5.02 41.35
CA PRO B 333 13.18 3.85 41.96
C PRO B 333 13.25 2.64 41.03
N VAL B 334 14.46 2.27 40.67
CA VAL B 334 14.69 1.14 39.77
C VAL B 334 15.04 -0.10 40.56
N THR B 335 14.51 -1.24 40.14
CA THR B 335 14.83 -2.50 40.75
C THR B 335 15.65 -3.32 39.77
N GLU B 336 16.18 -4.43 40.27
CA GLU B 336 16.90 -5.36 39.43
C GLU B 336 16.16 -6.68 39.48
N ASN B 337 15.70 -7.15 38.31
CA ASN B 337 14.91 -8.36 38.26
C ASN B 337 15.78 -9.61 38.46
N SER B 338 15.15 -10.77 38.47
CA SER B 338 15.85 -12.01 38.80
C SER B 338 16.97 -12.33 37.82
N LYS B 339 16.89 -11.77 36.62
CA LYS B 339 17.88 -12.03 35.57
C LYS B 339 19.02 -11.02 35.63
N GLY B 340 18.88 -10.03 36.50
CA GLY B 340 19.92 -9.02 36.69
C GLY B 340 19.76 -7.77 35.84
N TYR B 341 18.61 -7.62 35.20
CA TYR B 341 18.36 -6.47 34.34
C TYR B 341 17.53 -5.45 35.09
N LYS B 342 17.74 -4.18 34.74
CA LYS B 342 17.11 -3.08 35.43
C LYS B 342 15.66 -2.92 35.03
N LEU B 343 14.80 -2.63 36.01
CA LEU B 343 13.38 -2.51 35.75
C LEU B 343 12.80 -1.25 36.38
N LEU B 344 12.14 -0.43 35.57
CA LEU B 344 11.43 0.73 36.07
C LEU B 344 10.30 0.28 37.02
N PRO B 345 9.85 1.20 37.91
CA PRO B 345 8.71 0.82 38.75
C PRO B 345 7.47 0.56 37.91
N PRO B 346 6.51 -0.24 38.41
CA PRO B 346 5.43 -0.71 37.55
C PRO B 346 4.47 0.37 37.05
N TYR B 347 4.52 1.56 37.63
CA TYR B 347 3.67 2.67 37.21
C TYR B 347 4.30 3.49 36.07
N LEU B 348 5.43 3.03 35.55
CA LEU B 348 6.17 3.82 34.56
C LEU B 348 6.77 2.95 33.47
N ARG B 349 6.43 3.26 32.21
CA ARG B 349 6.92 2.49 31.07
C ARG B 349 7.23 3.44 29.92
N VAL B 350 7.83 2.93 28.86
CA VAL B 350 8.19 3.73 27.69
C VAL B 350 7.61 3.07 26.45
N ILE B 351 7.19 3.86 25.47
CA ILE B 351 6.93 3.31 24.15
C ILE B 351 7.71 4.10 23.09
N GLN B 352 8.45 3.38 22.25
CA GLN B 352 9.17 4.02 21.13
C GLN B 352 8.35 3.78 19.86
N GLY B 353 7.75 4.85 19.33
CA GLY B 353 6.90 4.73 18.17
C GLY B 353 7.41 5.46 16.94
N ASP B 354 8.71 5.72 16.88
CA ASP B 354 9.30 6.44 15.73
C ASP B 354 10.48 5.64 15.19
N GLY B 355 10.57 5.56 13.86
CA GLY B 355 11.68 4.89 13.20
C GLY B 355 11.77 3.39 13.43
N VAL B 356 10.66 2.75 13.80
CA VAL B 356 10.68 1.33 14.10
C VAL B 356 10.30 0.44 12.91
N ASP B 357 11.25 -0.38 12.50
CA ASP B 357 10.99 -1.45 11.55
C ASP B 357 11.76 -2.67 12.03
N ILE B 358 11.71 -3.76 11.29
CA ILE B 358 12.30 -5.01 11.77
C ILE B 358 13.80 -4.85 12.07
N ASN B 359 14.49 -4.04 11.27
CA ASN B 359 15.91 -3.76 11.49
C ASN B 359 16.22 -2.94 12.75
N THR B 360 15.56 -1.80 12.91
CA THR B 360 15.83 -0.94 14.06
C THR B 360 15.30 -1.53 15.37
N LEU B 361 14.21 -2.30 15.28
CA LEU B 361 13.70 -3.02 16.45
C LEU B 361 14.78 -3.89 17.06
N GLN B 362 15.42 -4.68 16.20
CA GLN B 362 16.57 -5.49 16.59
C GLN B 362 17.68 -4.68 17.25
N GLU B 363 18.05 -3.54 16.65
CA GLU B 363 19.13 -2.71 17.17
C GLU B 363 18.77 -2.13 18.54
N ILE B 364 17.51 -1.76 18.69
CA ILE B 364 17.08 -1.17 19.95
C ILE B 364 17.13 -2.16 21.11
N VAL B 365 16.57 -3.36 20.90
CA VAL B 365 16.52 -4.33 22.00
C VAL B 365 17.91 -4.87 22.37
N GLU B 366 18.78 -5.01 21.37
CA GLU B 366 20.15 -5.43 21.62
C GLU B 366 20.88 -4.35 22.38
N GLY B 367 20.63 -3.10 22.00
CA GLY B 367 21.24 -1.96 22.68
C GLY B 367 20.78 -1.86 24.13
N MET B 368 19.49 -2.10 24.36
CA MET B 368 18.96 -2.13 25.70
C MET B 368 19.60 -3.24 26.54
N LYS B 369 19.74 -4.42 25.93
CA LYS B 369 20.34 -5.56 26.62
C LYS B 369 21.79 -5.25 27.03
N GLN B 370 22.55 -4.63 26.14
CA GLN B 370 23.94 -4.27 26.45
C GLN B 370 24.05 -3.29 27.61
N LYS B 371 23.04 -2.46 27.78
CA LYS B 371 23.05 -1.49 28.87
C LYS B 371 22.29 -2.02 30.10
N MET B 372 21.95 -3.31 30.09
CA MET B 372 21.29 -3.98 31.20
C MET B 372 19.86 -3.49 31.50
N TRP B 373 19.15 -3.07 30.46
CA TRP B 373 17.76 -2.66 30.62
C TRP B 373 16.82 -3.77 30.17
N SER B 374 15.90 -4.19 31.05
CA SER B 374 14.95 -5.22 30.66
C SER B 374 14.02 -4.79 29.51
N ILE B 375 13.66 -5.73 28.66
CA ILE B 375 12.69 -5.45 27.59
C ILE B 375 11.30 -5.27 28.21
N GLU B 376 11.12 -5.69 29.45
CA GLU B 376 9.87 -5.35 30.17
C GLU B 376 9.56 -3.86 30.17
N ASN B 377 10.60 -3.03 30.15
CA ASN B 377 10.44 -1.59 30.27
C ASN B 377 9.77 -0.91 29.11
N ILE B 378 9.73 -1.60 27.96
CA ILE B 378 9.45 -0.92 26.71
C ILE B 378 8.44 -1.65 25.83
N ALA B 379 7.79 -0.89 24.96
CA ALA B 379 6.99 -1.44 23.87
C ALA B 379 7.31 -0.60 22.67
N PHE B 380 6.89 -1.08 21.50
CA PHE B 380 7.19 -0.41 20.24
C PHE B 380 5.95 -0.13 19.44
N GLY B 381 5.95 1.00 18.73
CA GLY B 381 4.89 1.27 17.79
C GLY B 381 5.49 1.39 16.41
N SER B 382 4.80 0.83 15.41
CA SER B 382 5.29 0.92 14.03
C SER B 382 4.11 1.18 13.10
N GLY B 383 4.34 2.03 12.11
CA GLY B 383 3.29 2.39 11.18
C GLY B 383 3.60 2.01 9.74
N GLY B 384 4.27 2.89 9.01
CA GLY B 384 4.62 2.61 7.62
C GLY B 384 5.53 1.39 7.53
N GLY B 385 6.46 1.28 8.48
CA GLY B 385 7.35 0.14 8.53
C GLY B 385 6.62 -1.18 8.69
N LEU B 386 5.49 -1.15 9.39
CA LEU B 386 4.71 -2.35 9.68
C LEU B 386 3.73 -2.70 8.57
N LEU B 387 3.11 -1.67 7.97
CA LEU B 387 2.00 -1.89 7.05
C LEU B 387 2.20 -1.41 5.62
N GLN B 388 3.16 -0.52 5.39
CA GLN B 388 3.32 0.08 4.07
C GLN B 388 4.63 -0.26 3.37
N LYS B 389 5.74 -0.25 4.11
CA LYS B 389 7.05 -0.49 3.51
C LYS B 389 7.31 -1.97 3.23
N LEU B 390 6.46 -2.58 2.42
CA LEU B 390 6.57 -3.99 2.08
C LEU B 390 6.14 -4.11 0.63
N THR B 391 6.75 -5.02 -0.11
CA THR B 391 6.34 -5.27 -1.48
C THR B 391 6.19 -6.76 -1.76
N ARG B 392 5.64 -7.06 -2.93
CA ARG B 392 5.40 -8.42 -3.34
C ARG B 392 6.74 -9.12 -3.57
N ASP B 393 7.81 -8.33 -3.74
CA ASP B 393 9.16 -8.88 -3.93
C ASP B 393 9.78 -9.45 -2.67
N LEU B 394 9.29 -9.05 -1.50
CA LEU B 394 9.95 -9.42 -0.26
C LEU B 394 9.97 -10.93 -0.10
N LEU B 395 8.83 -11.57 -0.33
CA LEU B 395 8.73 -13.02 -0.23
C LEU B 395 8.59 -13.69 -1.62
N ASN B 396 8.77 -12.90 -2.66
CA ASN B 396 8.57 -13.36 -4.03
C ASN B 396 7.24 -14.09 -4.23
N CYS B 397 6.16 -13.42 -3.83
CA CYS B 397 4.81 -13.95 -3.99
C CYS B 397 4.45 -13.94 -5.47
N SER B 398 4.07 -15.11 -5.98
CA SER B 398 3.96 -15.32 -7.42
C SER B 398 2.95 -16.40 -7.80
N PHE B 399 2.25 -16.18 -8.91
CA PHE B 399 1.16 -17.05 -9.35
C PHE B 399 1.55 -17.51 -10.74
N LYS B 400 1.57 -18.82 -10.97
CA LYS B 400 2.00 -19.36 -12.27
C LYS B 400 1.18 -20.56 -12.73
N CYS B 401 1.00 -20.69 -14.04
CA CYS B 401 0.36 -21.86 -14.61
C CYS B 401 1.38 -23.00 -14.61
N SER B 402 0.98 -24.18 -14.15
CA SER B 402 1.87 -25.35 -14.10
C SER B 402 1.35 -26.58 -14.86
N TYR B 403 0.08 -26.55 -15.25
CA TYR B 403 -0.52 -27.71 -15.89
C TYR B 403 -1.69 -27.28 -16.75
N VAL B 404 -1.74 -27.79 -17.98
CA VAL B 404 -2.87 -27.55 -18.87
C VAL B 404 -3.32 -28.84 -19.52
N VAL B 405 -4.57 -28.88 -19.96
CA VAL B 405 -5.06 -29.99 -20.76
C VAL B 405 -5.49 -29.46 -22.12
N THR B 406 -4.90 -30.00 -23.18
CA THR B 406 -5.19 -29.54 -24.53
C THR B 406 -5.34 -30.77 -25.43
N ASN B 407 -6.39 -30.80 -26.23
CA ASN B 407 -6.73 -31.98 -27.01
C ASN B 407 -6.78 -33.24 -26.13
N GLY B 408 -7.29 -33.06 -24.91
CA GLY B 408 -7.42 -34.15 -23.97
C GLY B 408 -6.11 -34.66 -23.38
N LEU B 409 -5.01 -33.99 -23.71
CA LEU B 409 -3.71 -34.41 -23.20
C LEU B 409 -3.17 -33.41 -22.18
N GLY B 410 -2.92 -33.88 -20.97
CA GLY B 410 -2.32 -33.07 -19.92
C GLY B 410 -0.86 -32.82 -20.17
N ILE B 411 -0.44 -31.58 -19.99
CA ILE B 411 0.93 -31.13 -20.21
C ILE B 411 1.46 -30.40 -18.98
N ASN B 412 2.67 -30.74 -18.55
CA ASN B 412 3.32 -30.03 -17.46
C ASN B 412 4.06 -28.80 -17.97
N VAL B 413 3.58 -27.61 -17.59
CA VAL B 413 4.17 -26.37 -18.10
C VAL B 413 4.85 -25.52 -17.02
N PHE B 414 5.72 -24.61 -17.45
CA PHE B 414 6.59 -23.87 -16.53
C PHE B 414 7.37 -22.80 -17.29
N LYS B 415 7.94 -21.83 -16.56
CA LYS B 415 8.90 -20.90 -17.13
C LYS B 415 10.26 -21.19 -16.51
N ASP B 416 11.33 -20.84 -17.22
CA ASP B 416 12.67 -21.11 -16.72
C ASP B 416 13.64 -20.17 -17.42
N PRO B 417 13.59 -18.86 -17.10
CA PRO B 417 14.35 -17.82 -17.80
C PRO B 417 15.85 -18.05 -17.66
N VAL B 418 16.56 -17.97 -18.78
CA VAL B 418 17.97 -18.32 -18.80
C VAL B 418 18.83 -17.46 -17.86
N ALA B 419 18.48 -16.18 -17.70
CA ALA B 419 19.31 -15.30 -16.89
C ALA B 419 18.85 -15.20 -15.44
N ASP B 420 17.82 -15.95 -15.07
CA ASP B 420 17.38 -15.94 -13.67
C ASP B 420 16.73 -17.25 -13.24
N PRO B 421 17.56 -18.22 -12.81
CA PRO B 421 17.13 -19.52 -12.28
C PRO B 421 16.19 -19.37 -11.08
N ASN B 422 16.25 -18.22 -10.39
CA ASN B 422 15.34 -17.98 -9.29
C ASN B 422 13.89 -17.82 -9.73
N LYS B 423 13.67 -17.55 -11.02
CA LYS B 423 12.31 -17.33 -11.53
C LYS B 423 11.68 -18.60 -12.12
N ARG B 424 12.42 -19.70 -12.11
CA ARG B 424 11.90 -20.97 -12.60
C ARG B 424 10.65 -21.34 -11.79
N SER B 425 9.61 -21.77 -12.48
CA SER B 425 8.37 -22.18 -11.80
C SER B 425 8.22 -23.71 -11.76
N LYS B 426 7.30 -24.18 -10.93
CA LYS B 426 7.06 -25.62 -10.74
C LYS B 426 6.27 -26.25 -11.87
N LYS B 427 6.44 -27.56 -12.04
CA LYS B 427 5.86 -28.28 -13.17
C LYS B 427 4.73 -29.21 -12.78
N GLY B 428 3.62 -29.13 -13.51
CA GLY B 428 2.56 -30.11 -13.36
C GLY B 428 1.66 -29.93 -12.18
N ARG B 429 0.87 -30.96 -11.89
CA ARG B 429 -0.06 -30.91 -10.77
C ARG B 429 0.72 -31.01 -9.46
N LEU B 430 0.35 -30.15 -8.51
CA LEU B 430 1.12 -30.01 -7.30
C LEU B 430 0.38 -30.52 -6.08
N SER B 431 1.14 -30.91 -5.07
CA SER B 431 0.54 -31.25 -3.79
C SER B 431 1.54 -31.01 -2.67
N LEU B 432 1.01 -30.83 -1.46
CA LEU B 432 1.82 -30.51 -0.30
C LEU B 432 1.79 -31.67 0.69
N HIS B 433 2.95 -32.04 1.21
CA HIS B 433 3.05 -33.24 2.05
C HIS B 433 3.96 -33.09 3.25
N ARG B 434 3.75 -33.97 4.22
CA ARG B 434 4.61 -34.07 5.40
C ARG B 434 5.70 -35.08 5.08
N THR B 435 6.96 -34.70 5.29
CA THR B 435 8.09 -35.61 5.05
C THR B 435 8.25 -36.56 6.24
N PRO B 436 9.10 -37.61 6.11
CA PRO B 436 9.30 -38.49 7.27
C PRO B 436 9.83 -37.78 8.51
N ALA B 437 10.55 -36.67 8.33
CA ALA B 437 11.06 -35.91 9.46
C ALA B 437 10.06 -34.88 9.98
N GLY B 438 8.88 -34.80 9.37
CA GLY B 438 7.85 -33.89 9.85
C GLY B 438 7.86 -32.50 9.22
N ASN B 439 8.58 -32.34 8.11
CA ASN B 439 8.65 -31.05 7.43
C ASN B 439 7.70 -31.03 6.24
N PHE B 440 7.68 -29.90 5.53
CA PHE B 440 6.86 -29.76 4.34
C PHE B 440 7.65 -30.07 3.09
N VAL B 441 7.01 -30.76 2.13
CA VAL B 441 7.57 -30.87 0.78
C VAL B 441 6.46 -30.63 -0.25
N THR B 442 6.80 -30.00 -1.36
CA THR B 442 5.87 -29.85 -2.47
C THR B 442 6.22 -30.82 -3.59
N LEU B 443 5.28 -31.69 -3.95
CA LEU B 443 5.54 -32.65 -5.01
C LEU B 443 4.99 -32.12 -6.34
N GLU B 444 5.77 -32.29 -7.40
CA GLU B 444 5.38 -31.78 -8.72
C GLU B 444 4.99 -32.93 -9.65
N GLU B 445 4.54 -32.58 -10.85
CA GLU B 445 4.27 -33.55 -11.89
C GLU B 445 3.25 -34.62 -11.49
N GLY B 446 2.33 -34.27 -10.59
CA GLY B 446 1.31 -35.18 -10.14
C GLY B 446 1.79 -36.33 -9.25
N LYS B 447 3.06 -36.27 -8.86
CA LYS B 447 3.68 -37.34 -8.07
C LYS B 447 3.01 -37.60 -6.73
N GLY B 448 2.18 -36.67 -6.26
CA GLY B 448 1.44 -36.89 -5.03
C GLY B 448 0.53 -38.10 -5.17
N ASP B 449 0.15 -38.42 -6.40
CA ASP B 449 -0.75 -39.53 -6.67
C ASP B 449 -0.08 -40.90 -6.49
N LEU B 450 1.25 -40.93 -6.53
CA LEU B 450 2.01 -42.17 -6.31
C LEU B 450 1.81 -42.66 -4.88
N GLU B 451 1.31 -41.79 -4.03
CA GLU B 451 0.99 -42.11 -2.65
C GLU B 451 2.18 -42.63 -1.83
N GLU B 452 3.34 -42.01 -2.04
CA GLU B 452 4.53 -42.37 -1.30
C GLU B 452 4.77 -41.39 -0.16
N TYR B 453 3.98 -40.34 -0.12
CA TYR B 453 4.19 -39.25 0.82
C TYR B 453 2.92 -38.89 1.58
N GLY B 454 2.00 -39.84 1.69
CA GLY B 454 0.77 -39.61 2.43
C GLY B 454 -0.18 -38.61 1.77
N GLN B 455 -1.12 -38.11 2.56
CA GLN B 455 -2.17 -37.22 2.05
C GLN B 455 -1.66 -35.81 1.69
N ASP B 456 -2.35 -35.20 0.73
CA ASP B 456 -2.14 -33.80 0.36
C ASP B 456 -2.62 -32.93 1.52
N LEU B 457 -1.77 -31.98 1.92
CA LEU B 457 -2.07 -31.09 3.05
C LEU B 457 -2.89 -29.86 2.68
N LEU B 458 -3.03 -29.59 1.37
CA LEU B 458 -3.94 -28.57 0.90
C LEU B 458 -5.38 -29.06 1.08
N HIS B 459 -6.30 -28.12 1.32
CA HIS B 459 -7.72 -28.43 1.43
C HIS B 459 -8.49 -27.63 0.38
N THR B 460 -9.60 -28.17 -0.11
CA THR B 460 -10.47 -27.40 -0.99
C THR B 460 -11.16 -26.30 -0.18
N VAL B 461 -10.91 -25.04 -0.53
CA VAL B 461 -11.49 -23.91 0.20
C VAL B 461 -12.55 -23.16 -0.59
N PHE B 462 -12.56 -23.36 -1.91
CA PHE B 462 -13.53 -22.69 -2.77
C PHE B 462 -13.85 -23.63 -3.90
N LYS B 463 -15.13 -23.75 -4.24
CA LYS B 463 -15.52 -24.59 -5.36
C LYS B 463 -16.88 -24.13 -5.90
N ASN B 464 -16.90 -23.79 -7.19
CA ASN B 464 -18.13 -23.45 -7.89
C ASN B 464 -18.97 -22.38 -7.18
N GLY B 465 -18.33 -21.30 -6.77
CA GLY B 465 -19.04 -20.18 -6.19
C GLY B 465 -19.23 -20.27 -4.68
N LYS B 466 -18.78 -21.38 -4.09
CA LYS B 466 -18.97 -21.54 -2.65
C LYS B 466 -17.67 -21.67 -1.89
N VAL B 467 -17.62 -21.09 -0.69
CA VAL B 467 -16.51 -21.31 0.22
C VAL B 467 -16.80 -22.61 0.92
N THR B 468 -15.85 -23.55 0.82
CA THR B 468 -16.08 -24.93 1.24
C THR B 468 -15.34 -25.27 2.52
N LYS B 469 -14.38 -24.43 2.89
CA LYS B 469 -13.67 -24.61 4.15
C LYS B 469 -13.13 -23.28 4.65
N SER B 470 -13.26 -23.03 5.94
CA SER B 470 -12.87 -21.74 6.50
C SER B 470 -12.28 -21.87 7.92
N TYR B 471 -11.63 -20.80 8.38
CA TYR B 471 -10.95 -20.82 9.66
C TYR B 471 -11.35 -19.62 10.50
N SER B 472 -11.50 -19.81 11.81
CA SER B 472 -11.73 -18.68 12.69
C SER B 472 -10.39 -17.98 12.92
N PHE B 473 -10.44 -16.75 13.40
CA PHE B 473 -9.22 -16.00 13.69
C PHE B 473 -8.48 -16.62 14.87
N ASP B 474 -9.22 -17.33 15.73
CA ASP B 474 -8.61 -17.97 16.88
C ASP B 474 -7.77 -19.15 16.40
N GLU B 475 -8.27 -19.90 15.40
CA GLU B 475 -7.51 -21.01 14.81
C GLU B 475 -6.25 -20.48 14.12
N ILE B 476 -6.42 -19.39 13.38
CA ILE B 476 -5.30 -18.79 12.67
C ILE B 476 -4.18 -18.34 13.62
N ARG B 477 -4.57 -17.67 14.70
CA ARG B 477 -3.59 -17.27 15.72
C ARG B 477 -2.85 -18.49 16.29
N LYS B 478 -3.58 -19.57 16.56
CA LYS B 478 -2.96 -20.77 17.12
C LYS B 478 -1.94 -21.36 16.14
N ASN B 479 -2.31 -21.38 14.86
CA ASN B 479 -1.43 -21.93 13.83
C ASN B 479 -0.15 -21.11 13.71
N ALA B 480 -0.25 -19.82 14.00
CA ALA B 480 0.85 -18.88 13.76
C ALA B 480 1.78 -18.66 14.96
N GLN B 481 1.50 -19.33 16.08
CA GLN B 481 2.31 -19.18 17.27
C GLN B 481 3.78 -19.48 17.03
N LEU B 482 4.64 -18.86 17.81
CA LEU B 482 6.07 -19.10 17.74
C LEU B 482 6.40 -20.42 18.44
N ASN B 483 7.47 -21.07 18.02
CA ASN B 483 7.92 -22.28 18.70
C ASN B 483 8.17 -22.00 20.19
N ILE B 484 8.77 -20.85 20.49
CA ILE B 484 9.05 -20.47 21.88
C ILE B 484 7.78 -20.36 22.74
N GLU B 485 6.67 -19.98 22.11
CA GLU B 485 5.39 -19.92 22.81
C GLU B 485 4.82 -21.32 23.01
N LEU B 486 5.02 -22.19 22.03
CA LEU B 486 4.49 -23.56 22.07
C LEU B 486 5.10 -24.39 23.19
C1 20N C . 4.38 1.85 -26.07
C2 20N C . 4.25 0.51 -25.39
O3 20N C . 5.21 -0.24 -25.42
N4 20N C . 3.08 0.20 -24.79
C5 20N C . 2.77 -1.00 -24.10
C6 20N C . 1.65 -1.00 -23.28
C7 20N C . 1.29 -2.13 -22.59
C8 20N C . 2.03 -3.30 -22.70
C9 20N C . 3.17 -3.31 -23.50
C10 20N C . 3.53 -2.17 -24.21
N11 20N C . 1.60 -4.38 -21.91
C12 20N C . 2.31 -5.49 -21.54
O13 20N C . 3.43 -5.73 -21.92
C14 20N C . 1.64 -6.46 -20.59
C15 20N C . 2.50 -6.97 -19.43
C16 20N C . 2.12 -7.92 -20.58
P PO4 D . 4.51 12.69 11.55
O1 PO4 D . 4.13 13.32 10.24
O2 PO4 D . 5.64 11.72 11.30
O3 PO4 D . 4.99 13.75 12.51
O4 PO4 D . 3.31 11.99 12.14
C1 EDO E . 0.78 25.87 -11.84
O1 EDO E . 1.75 26.35 -10.92
C2 EDO E . 0.36 24.46 -11.44
O2 EDO E . 1.51 23.64 -11.16
C1 20N F . 2.22 -1.80 26.40
C2 20N F . 2.14 -0.42 25.81
O3 20N F . 3.01 0.37 26.08
N4 20N F . 1.10 -0.15 24.98
C5 20N F . 0.79 1.04 24.31
C6 20N F . -0.22 0.96 23.35
C7 20N F . -0.58 2.07 22.63
C8 20N F . 0.03 3.30 22.84
C9 20N F . 1.06 3.39 23.79
C10 20N F . 1.44 2.26 24.51
N11 20N F . -0.41 4.35 22.01
C12 20N F . 0.28 5.47 21.66
O13 20N F . 1.37 5.74 22.12
C14 20N F . -0.38 6.41 20.68
C15 20N F . 0.05 7.89 20.65
C16 20N F . 0.48 6.94 19.52
P PO4 G . 5.99 -12.48 -11.18
O1 PO4 G . 6.35 -13.39 -12.32
O2 PO4 G . 7.24 -11.81 -10.67
O3 PO4 G . 4.96 -11.48 -11.65
O4 PO4 G . 5.39 -13.28 -10.04
C1 EDO H . 4.70 5.64 10.64
O1 EDO H . 4.57 6.81 11.47
C2 EDO H . 6.15 5.46 10.26
O2 EDO H . 6.84 5.10 11.46
C1 EDO I . 4.90 -6.12 -8.93
O1 EDO I . 5.37 -6.24 -7.59
C2 EDO I . 6.05 -6.25 -9.94
O2 EDO I . 6.80 -5.04 -10.05
#